data_5QIH
#
_entry.id   5QIH
#
_cell.length_a   97.460
_cell.length_b   97.460
_cell.length_c   80.520
_cell.angle_alpha   90.000
_cell.angle_beta   90.000
_cell.angle_gamma   90.000
#
_symmetry.space_group_name_H-M   'I 4'
#
loop_
_entity.id
_entity.type
_entity.pdbx_description
1 polymer 'Hydroxyacid oxidase 1'
2 non-polymer 'FLAVIN MONONUCLEOTIDE'
3 non-polymer 1-methylindazole-3-carboxamide
4 water water
#
_entity_poly.entity_id   1
_entity_poly.type   'polypeptide(L)'
_entity_poly.pdbx_seq_one_letter_code
;SMLPRLICINDYEQHAKSVLPKSIYDYYRSGANDEETLADNIAAFSRWKLYPRMLRNVAETDLSTSVLGQRVSMPICVGA
TAMQRMAHVDGELATVRACQSLGTGMMLSSWATSSIEEVAEAGPEALRWLQLYIYKDREVTKKLVRQAEKMGYKAIFVTV
DTPYLGNRLDDVRNRFKLPPQLRMKNFETSTLSFSPEENFGDDSGLAAYVAKAIDPSISWEDIKWLRRLTSLPIVAKGIL
RGDDAREAVKHGLNGILVSNHGARQLDGVPATIDVLPEIVEAVEGKVEVFLDGGVRKGTDVLKALALGAKAVFVGRPIVW
GLAFQGEKGVQDVLEILKEEFRLAMALSGCQNVKVIDKTLVRKNPLAVS
;
_entity_poly.pdbx_strand_id   A
#
loop_
_chem_comp.id
_chem_comp.type
_chem_comp.name
_chem_comp.formula
FMN non-polymer 'FLAVIN MONONUCLEOTIDE' 'C17 H21 N4 O9 P'
GWG non-polymer 1-methylindazole-3-carboxamide 'C9 H9 N3 O'
#
# COMPACT_ATOMS: atom_id res chain seq x y z
N ARG A 5 14.28 -8.86 -20.29
N ARG A 5 14.28 -8.86 -20.29
CA ARG A 5 13.01 -8.09 -20.19
CA ARG A 5 13.01 -8.09 -20.19
C ARG A 5 12.96 -6.98 -19.09
C ARG A 5 12.96 -6.98 -19.09
N LEU A 6 12.59 -7.27 -17.84
N LEU A 6 12.59 -7.27 -17.84
CA LEU A 6 12.14 -6.20 -16.92
CA LEU A 6 12.14 -6.20 -16.92
C LEU A 6 13.20 -5.98 -15.84
C LEU A 6 13.20 -5.98 -15.84
N ILE A 7 13.84 -4.82 -15.88
N ILE A 7 13.84 -4.82 -15.88
N ILE A 7 13.87 -4.46 -16.11
N ILE A 7 13.87 -4.46 -16.11
CA ILE A 7 15.03 -4.59 -15.05
CA ILE A 7 15.03 -4.59 -15.05
CA ILE A 7 15.06 -4.29 -15.30
CA ILE A 7 15.06 -4.29 -15.30
C ILE A 7 14.91 -3.35 -14.12
C ILE A 7 14.91 -3.35 -14.12
C ILE A 7 14.83 -3.28 -14.15
C ILE A 7 14.83 -3.28 -14.15
N CYS A 8 13.73 -2.76 -14.09
N CYS A 8 13.73 -2.76 -14.09
N CYS A 8 13.90 -2.35 -14.39
N CYS A 8 13.90 -2.35 -14.39
CA CYS A 8 13.49 -1.58 -13.23
CA CYS A 8 13.49 -1.58 -13.23
CA CYS A 8 13.53 -1.30 -13.42
CA CYS A 8 13.53 -1.30 -13.42
C CYS A 8 11.99 -1.49 -13.07
C CYS A 8 11.99 -1.49 -13.07
C CYS A 8 12.01 -1.35 -13.19
C CYS A 8 12.01 -1.35 -13.19
N ILE A 9 11.53 -0.68 -12.13
CA ILE A 9 10.11 -0.63 -11.84
C ILE A 9 9.30 -0.06 -13.00
N ASN A 10 9.79 0.95 -13.67
CA ASN A 10 9.05 1.47 -14.86
C ASN A 10 8.76 0.34 -15.87
N ASP A 11 9.71 -0.55 -16.06
CA ASP A 11 9.46 -1.69 -17.05
C ASP A 11 8.28 -2.49 -16.57
N TYR A 12 8.07 -2.77 -15.28
CA TYR A 12 6.97 -3.52 -14.80
C TYR A 12 5.66 -2.77 -15.04
N GLU A 13 5.63 -1.45 -14.88
CA GLU A 13 4.42 -0.75 -15.20
C GLU A 13 4.08 -0.88 -16.70
N GLN A 14 5.11 -0.74 -17.53
CA GLN A 14 4.83 -0.80 -19.00
C GLN A 14 4.33 -2.17 -19.34
N HIS A 15 4.87 -3.20 -18.75
CA HIS A 15 4.37 -4.55 -19.00
C HIS A 15 2.94 -4.71 -18.57
N ALA A 16 2.61 -4.16 -17.39
CA ALA A 16 1.25 -4.23 -16.86
C ALA A 16 0.26 -3.54 -17.78
N LYS A 17 0.58 -2.38 -18.32
CA LYS A 17 -0.30 -1.69 -19.26
C LYS A 17 -0.59 -2.61 -20.47
N SER A 18 0.40 -3.38 -20.82
CA SER A 18 0.23 -4.27 -22.00
C SER A 18 -0.63 -5.50 -21.73
N VAL A 19 -0.78 -5.96 -20.48
N VAL A 19 -0.78 -5.96 -20.48
N VAL A 19 -0.52 -6.14 -20.57
N VAL A 19 -0.52 -6.14 -20.57
CA VAL A 19 -1.51 -7.20 -20.16
CA VAL A 19 -1.51 -7.20 -20.16
CA VAL A 19 -1.34 -7.31 -20.27
CA VAL A 19 -1.34 -7.31 -20.27
C VAL A 19 -2.79 -7.11 -19.28
C VAL A 19 -2.79 -7.11 -19.28
C VAL A 19 -2.73 -6.89 -19.83
C VAL A 19 -2.73 -6.89 -19.83
N LEU A 20 -3.00 -6.00 -18.58
N LEU A 20 -3.00 -6.00 -18.58
N LEU A 20 -2.84 -5.77 -19.12
N LEU A 20 -2.84 -5.77 -19.12
CA LEU A 20 -4.26 -5.82 -17.84
CA LEU A 20 -4.26 -5.82 -17.84
CA LEU A 20 -4.09 -5.45 -18.44
CA LEU A 20 -4.09 -5.45 -18.44
C LEU A 20 -5.39 -5.20 -18.67
C LEU A 20 -5.39 -5.20 -18.67
C LEU A 20 -5.08 -4.83 -19.40
C LEU A 20 -5.08 -4.83 -19.40
N PRO A 21 -6.64 -5.59 -18.39
N PRO A 21 -6.64 -5.59 -18.39
N PRO A 21 -6.38 -5.10 -19.20
N PRO A 21 -6.38 -5.10 -19.20
CA PRO A 21 -7.74 -4.83 -18.99
CA PRO A 21 -7.74 -4.83 -18.99
CA PRO A 21 -7.41 -4.30 -19.90
CA PRO A 21 -7.41 -4.30 -19.90
C PRO A 21 -7.68 -3.34 -18.66
C PRO A 21 -7.68 -3.34 -18.66
C PRO A 21 -7.27 -2.82 -19.51
C PRO A 21 -7.27 -2.82 -19.51
N LYS A 22 -8.06 -2.47 -19.58
N LYS A 22 -8.06 -2.47 -19.58
N LYS A 22 -7.49 -1.92 -20.46
N LYS A 22 -7.49 -1.92 -20.46
CA LYS A 22 -7.95 -1.01 -19.38
CA LYS A 22 -7.95 -1.01 -19.38
CA LYS A 22 -7.23 -0.49 -20.22
CA LYS A 22 -7.23 -0.49 -20.22
C LYS A 22 -8.56 -0.55 -18.05
C LYS A 22 -8.56 -0.55 -18.05
C LYS A 22 -7.94 0.02 -18.96
C LYS A 22 -7.94 0.02 -18.96
N SER A 23 -9.77 -0.99 -17.70
N SER A 23 -9.77 -0.99 -17.70
N SER A 23 -9.17 -0.44 -18.72
N SER A 23 -9.17 -0.44 -18.72
CA SER A 23 -10.40 -0.52 -16.46
CA SER A 23 -10.40 -0.52 -16.46
CA SER A 23 -9.92 -0.04 -17.51
CA SER A 23 -9.92 -0.04 -17.51
C SER A 23 -9.62 -0.86 -15.19
C SER A 23 -9.62 -0.86 -15.19
C SER A 23 -9.23 -0.40 -16.22
C SER A 23 -9.23 -0.40 -16.22
N ILE A 24 -8.92 -1.99 -15.20
N ILE A 24 -8.92 -1.99 -15.20
N ILE A 24 -8.63 -1.59 -16.18
N ILE A 24 -8.63 -1.59 -16.18
CA ILE A 24 -8.14 -2.44 -14.05
CA ILE A 24 -8.14 -2.44 -14.05
CA ILE A 24 -7.93 -2.08 -14.99
CA ILE A 24 -7.93 -2.08 -14.99
C ILE A 24 -6.84 -1.65 -14.00
C ILE A 24 -6.84 -1.65 -14.00
C ILE A 24 -6.62 -1.32 -14.82
C ILE A 24 -6.62 -1.32 -14.82
N TYR A 25 -6.13 -1.55 -15.12
N TYR A 25 -6.13 -1.55 -15.12
N TYR A 25 -5.86 -1.17 -15.91
N TYR A 25 -5.86 -1.17 -15.91
CA TYR A 25 -4.89 -0.74 -15.19
CA TYR A 25 -4.89 -0.74 -15.19
CA TYR A 25 -4.60 -0.43 -15.87
CA TYR A 25 -4.60 -0.43 -15.87
C TYR A 25 -5.21 0.70 -14.74
C TYR A 25 -5.21 0.70 -14.74
C TYR A 25 -4.85 1.03 -15.44
C TYR A 25 -4.85 1.03 -15.44
N ASP A 26 -6.27 1.28 -15.29
N ASP A 26 -6.27 1.28 -15.29
N ASP A 26 -5.83 1.65 -16.07
N ASP A 26 -5.83 1.65 -16.07
CA ASP A 26 -6.67 2.67 -14.95
CA ASP A 26 -6.67 2.67 -14.95
CA ASP A 26 -6.17 3.04 -15.71
CA ASP A 26 -6.17 3.04 -15.71
C ASP A 26 -7.02 2.83 -13.47
C ASP A 26 -7.02 2.83 -13.47
C ASP A 26 -6.63 3.19 -14.26
C ASP A 26 -6.63 3.19 -14.26
N TYR A 27 -7.72 1.88 -12.88
N TYR A 27 -7.72 1.88 -12.88
N TYR A 27 -7.42 2.25 -13.77
N TYR A 27 -7.42 2.25 -13.77
CA TYR A 27 -8.02 1.91 -11.44
CA TYR A 27 -8.02 1.91 -11.44
CA TYR A 27 -7.83 2.24 -12.36
CA TYR A 27 -7.83 2.24 -12.36
C TYR A 27 -6.72 2.00 -10.64
C TYR A 27 -6.72 2.00 -10.64
C TYR A 27 -6.60 2.27 -11.43
C TYR A 27 -6.60 2.27 -11.43
N TYR A 28 -5.76 1.17 -11.00
N TYR A 28 -5.76 1.17 -11.00
N TYR A 28 -5.63 1.41 -11.71
N TYR A 28 -5.63 1.41 -11.71
CA TYR A 28 -4.51 1.13 -10.26
CA TYR A 28 -4.51 1.13 -10.26
CA TYR A 28 -4.44 1.31 -10.90
CA TYR A 28 -4.44 1.31 -10.90
C TYR A 28 -3.63 2.37 -10.52
C TYR A 28 -3.63 2.37 -10.52
C TYR A 28 -3.55 2.57 -11.04
C TYR A 28 -3.55 2.57 -11.04
N ARG A 29 -3.59 2.83 -11.77
N ARG A 29 -3.59 2.83 -11.77
N ARG A 29 -3.39 3.07 -12.26
N ARG A 29 -3.39 3.07 -12.26
CA ARG A 29 -2.72 3.94 -12.19
CA ARG A 29 -2.72 3.94 -12.19
CA ARG A 29 -2.44 4.14 -12.52
CA ARG A 29 -2.44 4.14 -12.52
C ARG A 29 -3.20 5.26 -11.67
C ARG A 29 -3.20 5.26 -11.67
C ARG A 29 -2.95 5.50 -12.04
C ARG A 29 -2.95 5.50 -12.04
N SER A 30 -4.52 5.48 -11.64
N SER A 30 -4.52 5.48 -11.64
N SER A 30 -4.26 5.68 -12.03
N SER A 30 -4.26 5.68 -12.03
CA SER A 30 -5.06 6.84 -11.59
CA SER A 30 -5.06 6.84 -11.59
CA SER A 30 -4.84 7.00 -11.94
CA SER A 30 -4.84 7.00 -11.94
C SER A 30 -4.70 7.59 -10.34
C SER A 30 -4.70 7.59 -10.34
C SER A 30 -4.62 7.69 -10.60
C SER A 30 -4.62 7.69 -10.60
N GLY A 31 -4.65 8.90 -10.53
N GLY A 31 -4.65 8.90 -10.53
N GLY A 31 -4.64 9.02 -10.68
N GLY A 31 -4.64 9.02 -10.68
CA GLY A 31 -4.75 9.84 -9.42
CA GLY A 31 -4.75 9.84 -9.42
CA GLY A 31 -4.62 9.89 -9.51
CA GLY A 31 -4.62 9.89 -9.51
C GLY A 31 -6.05 10.58 -9.51
C GLY A 31 -6.05 10.58 -9.51
C GLY A 31 -6.00 10.45 -9.27
C GLY A 31 -6.00 10.45 -9.27
N ALA A 32 -6.26 11.49 -8.56
N ALA A 32 -6.26 11.49 -8.56
N ALA A 32 -6.06 11.73 -8.90
N ALA A 32 -6.06 11.73 -8.90
CA ALA A 32 -7.49 12.31 -8.56
CA ALA A 32 -7.49 12.31 -8.56
CA ALA A 32 -7.31 12.41 -8.63
CA ALA A 32 -7.31 12.41 -8.63
C ALA A 32 -7.42 13.49 -9.57
C ALA A 32 -7.42 13.49 -9.57
C ALA A 32 -7.39 13.58 -9.61
C ALA A 32 -7.39 13.58 -9.61
N ASN A 33 -8.56 13.79 -10.19
CA ASN A 33 -8.75 14.98 -10.99
C ASN A 33 -7.71 15.15 -12.05
N ASP A 34 -7.01 16.29 -12.14
CA ASP A 34 -6.04 16.48 -13.21
C ASP A 34 -4.70 15.78 -12.94
N GLU A 35 -4.55 15.09 -11.78
CA GLU A 35 -3.38 14.31 -11.55
C GLU A 35 -2.12 15.13 -11.39
N GLU A 36 -2.25 16.31 -10.80
CA GLU A 36 -1.08 17.15 -10.54
C GLU A 36 -0.20 16.55 -9.46
N THR A 37 -0.78 16.09 -8.38
CA THR A 37 0.02 15.52 -7.31
C THR A 37 0.60 14.20 -7.79
N LEU A 38 -0.10 13.45 -8.65
CA LEU A 38 0.44 12.15 -9.14
C LEU A 38 1.76 12.36 -9.84
N ALA A 39 1.82 13.42 -10.67
CA ALA A 39 3.09 13.69 -11.32
C ALA A 39 4.10 14.21 -10.35
N ASP A 40 3.71 15.03 -9.40
CA ASP A 40 4.66 15.62 -8.46
C ASP A 40 5.28 14.62 -7.45
N ASN A 41 4.52 13.57 -7.08
CA ASN A 41 5.12 12.60 -6.19
C ASN A 41 6.38 11.99 -6.77
N ILE A 42 6.43 11.92 -8.11
CA ILE A 42 7.65 11.41 -8.82
C ILE A 42 8.59 12.59 -9.04
N ALA A 43 8.13 13.71 -9.57
CA ALA A 43 9.05 14.83 -9.92
C ALA A 43 9.76 15.37 -8.75
N ALA A 44 9.13 15.40 -7.57
CA ALA A 44 9.72 15.94 -6.39
C ALA A 44 10.95 15.21 -5.95
N PHE A 45 10.95 13.88 -6.11
CA PHE A 45 12.15 13.13 -5.79
C PHE A 45 13.33 13.60 -6.62
N SER A 46 13.07 13.91 -7.90
CA SER A 46 14.17 14.29 -8.75
C SER A 46 14.75 15.62 -8.36
N ARG A 47 13.98 16.55 -7.71
CA ARG A 47 14.50 17.84 -7.27
C ARG A 47 15.43 17.73 -6.11
N TRP A 48 15.33 16.69 -5.28
CA TRP A 48 16.22 16.49 -4.17
C TRP A 48 17.50 15.88 -4.70
N LYS A 49 18.58 16.53 -4.60
CA LYS A 49 19.84 16.06 -5.14
C LYS A 49 20.69 15.37 -4.07
N LEU A 50 21.51 14.44 -4.44
CA LEU A 50 22.37 13.65 -3.60
C LEU A 50 23.77 14.15 -3.57
N TYR A 51 24.37 14.11 -2.39
CA TYR A 51 25.75 14.59 -2.12
C TYR A 51 26.54 13.50 -1.54
N PRO A 52 27.01 12.54 -2.33
CA PRO A 52 27.62 11.31 -1.82
C PRO A 52 28.96 11.52 -1.20
N ARG A 53 29.24 10.76 -0.15
CA ARG A 53 30.61 10.69 0.41
C ARG A 53 31.36 9.56 -0.24
N MET A 54 32.66 9.81 -0.47
N MET A 54 32.66 9.81 -0.47
N MET A 54 32.64 9.81 -0.53
N MET A 54 32.64 9.81 -0.53
CA MET A 54 33.58 8.87 -1.11
CA MET A 54 33.58 8.87 -1.11
CA MET A 54 33.51 8.79 -1.10
CA MET A 54 33.51 8.79 -1.10
C MET A 54 34.47 8.13 -0.09
C MET A 54 34.47 8.13 -0.09
C MET A 54 34.41 8.23 0.01
C MET A 54 34.41 8.23 0.01
N LEU A 55 34.97 6.98 -0.48
N LEU A 55 34.97 6.98 -0.48
N LEU A 55 34.93 7.06 -0.25
N LEU A 55 34.93 7.06 -0.25
CA LEU A 55 36.04 6.32 0.29
CA LEU A 55 36.04 6.32 0.29
CA LEU A 55 36.04 6.49 0.54
CA LEU A 55 36.04 6.49 0.54
C LEU A 55 35.64 5.95 1.72
C LEU A 55 35.64 5.95 1.72
C LEU A 55 35.60 6.21 1.98
C LEU A 55 35.60 6.21 1.98
N ARG A 56 34.42 5.42 1.89
N ARG A 56 34.42 5.42 1.89
N ARG A 56 34.44 5.55 2.11
N ARG A 56 34.44 5.55 2.11
CA ARG A 56 33.86 5.13 3.22
CA ARG A 56 33.86 5.13 3.22
CA ARG A 56 33.90 5.17 3.43
CA ARG A 56 33.90 5.17 3.43
C ARG A 56 34.01 3.70 3.67
C ARG A 56 34.01 3.70 3.67
C ARG A 56 33.80 3.66 3.70
C ARG A 56 33.80 3.66 3.70
N ASN A 57 34.31 2.81 2.72
N ASN A 57 34.31 2.81 2.72
N ASN A 57 34.41 2.83 2.89
N ASN A 57 34.41 2.83 2.89
CA ASN A 57 34.36 1.33 2.87
CA ASN A 57 34.36 1.33 2.87
CA ASN A 57 34.28 1.39 3.04
CA ASN A 57 34.28 1.39 3.04
C ASN A 57 32.98 0.68 2.83
C ASN A 57 32.98 0.68 2.83
C ASN A 57 32.80 0.98 3.04
C ASN A 57 32.80 0.98 3.04
N VAL A 58 32.52 0.36 1.61
N VAL A 58 32.52 0.36 1.61
N VAL A 58 32.34 0.53 1.88
N VAL A 58 32.34 0.53 1.88
CA VAL A 58 31.18 -0.20 1.40
CA VAL A 58 31.18 -0.20 1.40
CA VAL A 58 30.95 0.08 1.70
CA VAL A 58 30.95 0.08 1.70
C VAL A 58 31.19 -1.61 0.85
C VAL A 58 31.19 -1.61 0.85
C VAL A 58 30.92 -1.36 1.16
C VAL A 58 30.92 -1.36 1.16
N ALA A 59 32.16 -2.39 1.31
N ALA A 59 32.16 -2.39 1.31
N ALA A 59 31.96 -2.12 1.50
N ALA A 59 31.96 -2.12 1.50
CA ALA A 59 32.17 -3.81 1.02
CA ALA A 59 32.17 -3.81 1.02
CA ALA A 59 32.12 -3.53 1.08
CA ALA A 59 32.12 -3.53 1.08
C ALA A 59 30.95 -4.47 1.63
C ALA A 59 30.95 -4.47 1.63
C ALA A 59 31.04 -4.43 1.66
C ALA A 59 31.04 -4.43 1.66
N GLU A 60 30.52 -4.03 2.81
CA GLU A 60 29.52 -4.85 3.55
C GLU A 60 28.11 -4.41 3.77
N THR A 61 27.45 -3.90 2.77
CA THR A 61 26.33 -2.96 3.06
C THR A 61 25.18 -3.68 3.73
N ASP A 62 24.67 -3.15 4.84
CA ASP A 62 23.63 -3.78 5.66
C ASP A 62 22.39 -2.92 5.47
N LEU A 63 21.38 -3.49 4.83
CA LEU A 63 20.10 -2.72 4.56
C LEU A 63 19.08 -2.87 5.67
N SER A 64 19.34 -3.72 6.67
CA SER A 64 18.30 -4.01 7.64
C SER A 64 17.97 -2.82 8.51
N THR A 65 16.74 -2.87 9.04
CA THR A 65 16.27 -1.83 9.95
C THR A 65 15.12 -2.42 10.74
N SER A 66 14.40 -1.53 11.43
N SER A 66 14.35 -1.56 11.37
N SER A 66 14.35 -1.56 11.37
N SER A 66 14.35 -1.56 11.37
CA SER A 66 13.27 -1.93 12.27
CA SER A 66 13.19 -2.03 12.11
CA SER A 66 13.19 -2.03 12.11
CA SER A 66 13.19 -2.03 12.11
C SER A 66 12.04 -1.05 11.93
C SER A 66 12.05 -1.07 11.91
C SER A 66 12.05 -1.07 11.91
C SER A 66 12.05 -1.07 11.91
N VAL A 67 10.85 -1.61 11.98
CA VAL A 67 9.58 -0.80 11.79
C VAL A 67 8.78 -1.10 13.08
N LEU A 68 8.57 -0.11 13.91
CA LEU A 68 7.76 -0.24 15.17
C LEU A 68 8.28 -1.42 16.03
N GLY A 69 9.60 -1.53 16.06
CA GLY A 69 10.27 -2.56 16.87
C GLY A 69 10.48 -3.91 16.23
N GLN A 70 9.98 -4.16 15.02
CA GLN A 70 10.07 -5.43 14.36
C GLN A 70 11.13 -5.34 13.28
N ARG A 71 12.06 -6.28 13.21
CA ARG A 71 13.16 -6.22 12.24
C ARG A 71 12.62 -6.48 10.87
N VAL A 72 13.16 -5.72 9.90
CA VAL A 72 12.95 -5.97 8.49
C VAL A 72 14.30 -6.01 7.75
N SER A 73 14.32 -6.65 6.61
CA SER A 73 15.56 -6.83 5.81
C SER A 73 15.98 -5.58 5.06
N MET A 74 15.04 -4.61 4.95
CA MET A 74 15.32 -3.39 4.17
C MET A 74 14.24 -2.39 4.57
N PRO A 75 14.46 -1.07 4.37
CA PRO A 75 13.49 -0.06 4.78
C PRO A 75 12.48 0.20 3.66
N ILE A 76 11.97 -0.88 3.07
CA ILE A 76 11.13 -0.86 1.87
C ILE A 76 10.06 -1.90 2.10
N CYS A 77 8.82 -1.46 2.30
CA CYS A 77 7.72 -2.32 2.72
C CYS A 77 6.58 -2.18 1.80
N VAL A 78 5.66 -3.16 1.76
CA VAL A 78 4.49 -3.15 0.87
C VAL A 78 3.34 -2.40 1.49
N GLY A 79 2.92 -1.32 0.78
CA GLY A 79 1.73 -0.58 1.19
C GLY A 79 0.45 -1.19 0.78
N ALA A 80 -0.65 -0.80 1.46
CA ALA A 80 -2.02 -1.31 1.20
C ALA A 80 -2.51 -0.90 -0.15
N THR A 81 -2.88 -1.83 -1.00
CA THR A 81 -3.51 -1.54 -2.27
C THR A 81 -4.66 -2.48 -2.32
N ALA A 82 -5.85 -1.96 -2.53
N ALA A 82 -5.85 -1.96 -2.53
N ALA A 82 -5.87 -1.98 -2.44
N ALA A 82 -5.87 -1.98 -2.44
CA ALA A 82 -7.06 -2.72 -2.56
CA ALA A 82 -7.06 -2.72 -2.56
CA ALA A 82 -7.02 -2.84 -2.56
CA ALA A 82 -7.02 -2.84 -2.56
C ALA A 82 -7.12 -3.78 -3.65
C ALA A 82 -7.12 -3.78 -3.65
C ALA A 82 -7.12 -3.45 -3.97
C ALA A 82 -7.12 -3.45 -3.97
N MET A 83 -7.83 -4.86 -3.33
N MET A 83 -7.83 -4.86 -3.33
N MET A 83 -7.92 -4.51 -4.04
N MET A 83 -7.92 -4.51 -4.04
CA MET A 83 -8.41 -5.76 -4.36
CA MET A 83 -8.41 -5.76 -4.36
CA MET A 83 -8.29 -5.17 -5.29
CA MET A 83 -8.29 -5.17 -5.29
C MET A 83 -7.38 -6.38 -5.31
C MET A 83 -7.38 -6.38 -5.31
C MET A 83 -7.12 -5.88 -5.99
C MET A 83 -7.12 -5.88 -5.99
N GLN A 84 -6.26 -6.89 -4.77
N GLN A 84 -6.26 -6.89 -4.77
N GLN A 84 -6.21 -6.44 -5.19
N GLN A 84 -6.21 -6.44 -5.19
CA GLN A 84 -5.11 -7.30 -5.63
CA GLN A 84 -5.11 -7.30 -5.63
CA GLN A 84 -5.10 -7.27 -5.66
CA GLN A 84 -5.10 -7.27 -5.66
C GLN A 84 -5.39 -8.42 -6.67
C GLN A 84 -5.39 -8.42 -6.67
C GLN A 84 -5.44 -8.58 -6.35
C GLN A 84 -5.44 -8.58 -6.35
N ARG A 85 -6.46 -9.17 -6.42
N ARG A 85 -6.46 -9.17 -6.42
N ARG A 85 -6.51 -9.29 -5.94
N ARG A 85 -6.51 -9.29 -5.94
CA ARG A 85 -6.81 -10.24 -7.36
CA ARG A 85 -6.81 -10.24 -7.36
CA ARG A 85 -7.00 -10.46 -6.70
CA ARG A 85 -7.00 -10.46 -6.70
C ARG A 85 -7.24 -9.77 -8.76
C ARG A 85 -7.24 -9.77 -8.76
C ARG A 85 -7.50 -10.06 -8.09
C ARG A 85 -7.50 -10.06 -8.09
N MET A 86 -7.51 -8.48 -8.96
N MET A 86 -7.51 -8.48 -8.96
N MET A 86 -7.79 -8.77 -8.29
N MET A 86 -7.79 -8.77 -8.29
CA MET A 86 -7.68 -7.93 -10.32
CA MET A 86 -7.68 -7.93 -10.32
CA MET A 86 -8.03 -8.22 -9.61
CA MET A 86 -8.03 -8.22 -9.61
C MET A 86 -6.39 -7.99 -11.17
C MET A 86 -6.39 -7.99 -11.17
C MET A 86 -6.78 -8.23 -10.51
C MET A 86 -6.78 -8.23 -10.51
N ALA A 87 -5.23 -7.92 -10.52
N ALA A 87 -5.23 -7.92 -10.52
N ALA A 87 -5.58 -8.23 -9.92
N ALA A 87 -5.58 -8.23 -9.92
CA ALA A 87 -3.97 -7.94 -11.26
CA ALA A 87 -3.97 -7.94 -11.26
CA ALA A 87 -4.31 -8.17 -10.66
CA ALA A 87 -4.31 -8.17 -10.66
C ALA A 87 -3.50 -9.35 -11.55
C ALA A 87 -3.50 -9.35 -11.55
C ALA A 87 -3.74 -9.55 -10.92
C ALA A 87 -3.74 -9.55 -10.92
N HIS A 88 -3.88 -10.27 -10.68
N HIS A 88 -3.88 -10.27 -10.68
N HIS A 88 -3.87 -10.43 -9.95
N HIS A 88 -3.87 -10.43 -9.95
CA HIS A 88 -3.41 -11.68 -10.71
CA HIS A 88 -3.41 -11.68 -10.71
CA HIS A 88 -3.35 -11.79 -10.17
CA HIS A 88 -3.35 -11.79 -10.17
C HIS A 88 -4.28 -12.53 -9.73
C HIS A 88 -4.28 -12.53 -9.73
C HIS A 88 -4.30 -12.65 -9.48
C HIS A 88 -4.30 -12.65 -9.48
N VAL A 89 -4.57 -13.81 -10.07
CA VAL A 89 -5.47 -14.69 -9.37
C VAL A 89 -5.21 -14.90 -7.91
N ASP A 90 -3.91 -14.89 -7.52
CA ASP A 90 -3.50 -15.14 -6.17
C ASP A 90 -3.50 -13.88 -5.26
N GLY A 91 -3.56 -12.72 -5.92
CA GLY A 91 -3.71 -11.41 -5.19
C GLY A 91 -2.88 -11.27 -3.96
N GLU A 92 -3.52 -10.99 -2.85
N GLU A 92 -3.52 -10.99 -2.85
N GLU A 92 -3.50 -10.96 -2.82
N GLU A 92 -3.50 -10.96 -2.82
CA GLU A 92 -2.84 -10.72 -1.61
CA GLU A 92 -2.84 -10.72 -1.61
CA GLU A 92 -2.81 -10.70 -1.55
CA GLU A 92 -2.81 -10.70 -1.55
C GLU A 92 -2.00 -11.89 -1.12
C GLU A 92 -2.00 -11.89 -1.12
C GLU A 92 -2.09 -11.89 -0.89
C GLU A 92 -2.09 -11.89 -0.89
N LEU A 93 -2.39 -13.12 -1.49
N LEU A 93 -2.39 -13.12 -1.49
N LEU A 93 -2.44 -13.11 -1.30
N LEU A 93 -2.44 -13.11 -1.30
CA LEU A 93 -1.71 -14.30 -0.98
CA LEU A 93 -1.71 -14.30 -0.98
CA LEU A 93 -1.64 -14.27 -0.94
CA LEU A 93 -1.64 -14.27 -0.94
C LEU A 93 -0.29 -14.38 -1.46
C LEU A 93 -0.29 -14.38 -1.46
C LEU A 93 -0.38 -14.34 -1.84
C LEU A 93 -0.38 -14.34 -1.84
N ALA A 94 -0.15 -14.11 -2.74
N ALA A 94 -0.15 -14.11 -2.74
N ALA A 94 -0.43 -13.94 -3.12
N ALA A 94 -0.43 -13.94 -3.12
CA ALA A 94 1.13 -13.96 -3.39
CA ALA A 94 1.13 -13.96 -3.39
CA ALA A 94 0.82 -13.80 -3.92
CA ALA A 94 0.82 -13.80 -3.92
C ALA A 94 1.97 -12.85 -2.73
C ALA A 94 1.97 -12.85 -2.73
C ALA A 94 1.75 -12.74 -3.30
C ALA A 94 1.75 -12.74 -3.30
N THR A 95 1.35 -11.69 -2.51
N THR A 95 1.35 -11.69 -2.51
N THR A 95 1.15 -11.62 -2.90
N THR A 95 1.15 -11.62 -2.90
CA THR A 95 2.10 -10.55 -1.97
CA THR A 95 2.10 -10.55 -1.97
CA THR A 95 1.92 -10.57 -2.22
CA THR A 95 1.92 -10.57 -2.22
C THR A 95 2.68 -10.91 -0.66
C THR A 95 2.68 -10.91 -0.66
C THR A 95 2.57 -10.92 -0.87
C THR A 95 2.57 -10.92 -0.87
N VAL A 96 1.86 -11.56 0.13
CA VAL A 96 2.36 -11.88 1.42
C VAL A 96 3.53 -12.93 1.36
N ARG A 97 3.37 -13.86 0.42
CA ARG A 97 4.42 -14.87 0.27
C ARG A 97 5.69 -14.23 -0.20
N ALA A 98 5.63 -13.24 -1.07
CA ALA A 98 6.82 -12.55 -1.52
C ALA A 98 7.46 -11.76 -0.38
N CYS A 99 6.66 -11.10 0.45
CA CYS A 99 7.16 -10.37 1.60
C CYS A 99 7.88 -11.30 2.55
N GLN A 100 7.28 -12.48 2.77
CA GLN A 100 7.94 -13.47 3.66
C GLN A 100 9.31 -13.87 3.10
N SER A 101 9.36 -14.08 1.80
CA SER A 101 10.66 -14.45 1.12
C SER A 101 11.69 -13.35 1.32
N LEU A 102 11.26 -12.09 1.12
CA LEU A 102 12.18 -10.95 1.19
C LEU A 102 12.53 -10.61 2.60
N GLY A 103 11.77 -10.96 3.60
CA GLY A 103 12.02 -10.48 4.95
C GLY A 103 11.51 -9.05 5.25
N THR A 104 10.50 -8.63 4.51
CA THR A 104 9.90 -7.31 4.74
C THR A 104 8.45 -7.44 5.10
N GLY A 105 7.81 -6.32 5.39
CA GLY A 105 6.46 -6.32 5.85
C GLY A 105 5.44 -5.95 4.83
N MET A 106 4.24 -6.50 5.03
CA MET A 106 3.09 -6.23 4.20
C MET A 106 1.97 -5.55 4.99
N MET A 107 1.55 -4.38 4.51
N MET A 107 1.55 -4.38 4.51
N MET A 107 1.56 -4.38 4.50
N MET A 107 1.56 -4.38 4.50
CA MET A 107 0.37 -3.71 5.01
CA MET A 107 0.37 -3.71 5.01
CA MET A 107 0.36 -3.71 4.95
CA MET A 107 0.36 -3.71 4.95
C MET A 107 -0.86 -4.15 4.20
C MET A 107 -0.86 -4.15 4.20
C MET A 107 -0.81 -4.18 4.08
C MET A 107 -0.81 -4.18 4.08
N LEU A 108 -1.76 -4.87 4.88
N LEU A 108 -1.76 -4.87 4.88
N LEU A 108 -1.79 -4.83 4.72
N LEU A 108 -1.79 -4.83 4.72
CA LEU A 108 -2.96 -5.42 4.26
CA LEU A 108 -2.96 -5.42 4.26
CA LEU A 108 -2.92 -5.44 4.04
CA LEU A 108 -2.92 -5.44 4.04
C LEU A 108 -4.12 -4.41 4.19
C LEU A 108 -4.12 -4.41 4.19
C LEU A 108 -4.10 -4.50 4.16
C LEU A 108 -4.10 -4.50 4.16
N SER A 109 -4.63 -4.19 2.99
N SER A 109 -4.63 -4.19 2.99
N SER A 109 -4.73 -4.20 3.02
N SER A 109 -4.73 -4.20 3.02
CA SER A 109 -5.80 -3.32 2.80
CA SER A 109 -5.80 -3.32 2.80
CA SER A 109 -6.03 -3.54 3.05
CA SER A 109 -6.03 -3.54 3.05
C SER A 109 -7.02 -3.82 3.53
C SER A 109 -7.02 -3.82 3.53
C SER A 109 -7.10 -4.62 3.17
C SER A 109 -7.10 -4.62 3.17
N SER A 110 -7.80 -2.89 4.07
N SER A 110 -7.80 -2.89 4.07
N SER A 110 -7.91 -4.59 4.22
N SER A 110 -7.91 -4.59 4.22
CA SER A 110 -9.17 -3.27 4.55
CA SER A 110 -9.17 -3.27 4.55
CA SER A 110 -8.92 -5.66 4.42
CA SER A 110 -8.92 -5.66 4.42
C SER A 110 -10.07 -3.75 3.37
C SER A 110 -10.07 -3.75 3.37
C SER A 110 -10.17 -5.20 5.16
C SER A 110 -10.17 -5.20 5.16
N TRP A 111 -9.73 -3.34 2.15
N TRP A 111 -9.73 -3.34 2.15
N TRP A 111 -11.34 -5.55 4.62
N TRP A 111 -11.34 -5.55 4.62
CA TRP A 111 -10.49 -3.64 0.90
CA TRP A 111 -10.49 -3.64 0.90
CA TRP A 111 -12.63 -5.29 5.29
CA TRP A 111 -12.63 -5.29 5.29
C TRP A 111 -9.76 -4.69 0.07
C TRP A 111 -9.76 -4.69 0.07
C TRP A 111 -13.38 -6.58 5.64
C TRP A 111 -13.38 -6.58 5.64
N ALA A 112 -9.17 -5.64 0.77
N ALA A 112 -9.17 -5.64 0.77
N ALA A 112 -12.65 -7.69 5.83
N ALA A 112 -12.65 -7.69 5.83
CA ALA A 112 -8.49 -6.74 0.14
CA ALA A 112 -8.49 -6.74 0.14
CA ALA A 112 -13.25 -8.94 6.29
CA ALA A 112 -13.25 -8.94 6.29
C ALA A 112 -9.48 -7.76 -0.45
C ALA A 112 -9.48 -7.76 -0.45
C ALA A 112 -12.27 -9.84 7.05
C ALA A 112 -12.27 -9.84 7.05
N THR A 113 -9.05 -8.40 -1.54
N THR A 113 -9.05 -8.40 -1.54
N THR A 113 -12.78 -10.46 8.11
N THR A 113 -12.78 -10.46 8.11
CA THR A 113 -9.76 -9.54 -2.12
CA THR A 113 -9.76 -9.54 -2.12
CA THR A 113 -11.99 -11.31 8.99
CA THR A 113 -11.99 -11.31 8.99
C THR A 113 -9.36 -10.89 -1.50
C THR A 113 -9.36 -10.89 -1.50
C THR A 113 -11.44 -12.56 8.27
C THR A 113 -11.44 -12.56 8.27
N SER A 114 -8.72 -10.84 -0.33
N SER A 114 -8.72 -10.84 -0.33
N SER A 114 -12.21 -13.04 7.28
N SER A 114 -12.21 -13.04 7.28
CA SER A 114 -8.39 -11.99 0.49
CA SER A 114 -8.39 -11.99 0.49
CA SER A 114 -11.78 -14.16 6.44
CA SER A 114 -11.78 -14.16 6.44
C SER A 114 -8.61 -11.63 1.96
C SER A 114 -8.61 -11.63 1.96
C SER A 114 -10.41 -13.90 5.79
C SER A 114 -10.41 -13.90 5.79
N SER A 115 -9.04 -12.60 2.75
N SER A 115 -9.04 -12.60 2.75
N SER A 115 -10.22 -12.71 5.22
N SER A 115 -10.22 -12.71 5.22
CA SER A 115 -9.42 -12.29 4.12
CA SER A 115 -9.42 -12.29 4.12
CA SER A 115 -8.96 -12.37 4.54
CA SER A 115 -8.96 -12.37 4.54
C SER A 115 -8.17 -12.10 4.97
C SER A 115 -8.17 -12.10 4.97
C SER A 115 -7.83 -12.10 5.54
C SER A 115 -7.83 -12.10 5.54
N ILE A 116 -8.30 -11.37 6.07
N ILE A 116 -8.30 -11.37 6.07
N ILE A 116 -8.12 -11.47 6.68
N ILE A 116 -8.12 -11.47 6.68
CA ILE A 116 -7.26 -11.25 7.10
CA ILE A 116 -7.26 -11.25 7.10
CA ILE A 116 -7.10 -11.25 7.71
CA ILE A 116 -7.10 -11.25 7.71
C ILE A 116 -6.68 -12.67 7.38
C ILE A 116 -6.68 -12.67 7.38
C ILE A 116 -6.52 -12.61 8.14
C ILE A 116 -6.52 -12.61 8.14
N GLU A 117 -7.58 -13.64 7.54
N GLU A 117 -7.58 -13.64 7.54
N GLU A 117 -7.39 -13.58 8.43
N GLU A 117 -7.39 -13.58 8.43
CA GLU A 117 -7.15 -15.00 7.86
CA GLU A 117 -7.15 -15.00 7.86
CA GLU A 117 -6.96 -14.95 8.69
CA GLU A 117 -6.96 -14.95 8.69
C GLU A 117 -6.44 -15.69 6.70
C GLU A 117 -6.44 -15.69 6.70
C GLU A 117 -6.17 -15.59 7.54
C GLU A 117 -6.17 -15.59 7.54
N GLU A 118 -6.96 -15.57 5.48
N GLU A 118 -6.96 -15.57 5.48
N GLU A 118 -6.75 -15.56 6.36
N GLU A 118 -6.75 -15.56 6.36
CA GLU A 118 -6.32 -16.24 4.32
CA GLU A 118 -6.32 -16.24 4.32
CA GLU A 118 -6.12 -16.20 5.20
CA GLU A 118 -6.12 -16.20 5.20
C GLU A 118 -4.89 -15.72 4.10
C GLU A 118 -4.89 -15.72 4.10
C GLU A 118 -4.73 -15.66 4.89
C GLU A 118 -4.73 -15.66 4.89
N VAL A 119 -4.72 -14.41 4.27
N VAL A 119 -4.72 -14.41 4.27
N VAL A 119 -4.57 -14.34 4.94
N VAL A 119 -4.57 -14.34 4.94
CA VAL A 119 -3.41 -13.80 4.07
CA VAL A 119 -3.41 -13.80 4.07
CA VAL A 119 -3.25 -13.76 4.75
CA VAL A 119 -3.25 -13.76 4.75
C VAL A 119 -2.42 -14.26 5.17
C VAL A 119 -2.42 -14.26 5.17
C VAL A 119 -2.25 -14.18 5.83
C VAL A 119 -2.25 -14.18 5.83
N ALA A 120 -2.86 -14.33 6.43
N ALA A 120 -2.86 -14.33 6.43
N ALA A 120 -2.70 -14.27 7.06
N ALA A 120 -2.70 -14.27 7.06
CA ALA A 120 -1.98 -14.76 7.57
CA ALA A 120 -1.98 -14.76 7.57
CA ALA A 120 -1.85 -14.83 8.09
CA ALA A 120 -1.85 -14.83 8.09
C ALA A 120 -1.51 -16.22 7.45
C ALA A 120 -1.51 -16.22 7.45
C ALA A 120 -1.53 -16.32 7.80
C ALA A 120 -1.53 -16.32 7.80
N GLU A 121 -2.45 -17.05 7.14
CA GLU A 121 -2.21 -18.49 6.76
C GLU A 121 -1.26 -18.64 5.58
N ALA A 122 -1.29 -17.76 4.57
CA ALA A 122 -0.35 -17.83 3.45
C ALA A 122 1.06 -17.34 3.83
N GLY A 123 1.13 -16.39 4.78
CA GLY A 123 2.39 -15.78 5.22
C GLY A 123 2.57 -15.74 6.69
N PRO A 124 2.56 -16.91 7.35
CA PRO A 124 2.59 -16.90 8.80
C PRO A 124 3.83 -16.25 9.42
N GLU A 125 4.96 -16.46 8.78
CA GLU A 125 6.21 -15.89 9.19
C GLU A 125 6.45 -14.50 8.69
N ALA A 126 5.61 -13.99 7.78
CA ALA A 126 5.79 -12.61 7.32
C ALA A 126 5.37 -11.57 8.35
N LEU A 127 6.07 -10.46 8.40
CA LEU A 127 5.64 -9.28 9.17
C LEU A 127 4.43 -8.64 8.46
N ARG A 128 3.29 -8.53 9.18
CA ARG A 128 2.04 -8.15 8.60
C ARG A 128 1.41 -7.12 9.47
N TRP A 129 0.78 -6.09 8.81
CA TRP A 129 0.05 -5.06 9.50
C TRP A 129 -1.29 -4.89 8.76
N LEU A 130 -2.30 -4.39 9.48
CA LEU A 130 -3.60 -4.12 8.90
C LEU A 130 -3.82 -2.65 8.67
N GLN A 131 -4.16 -2.29 7.42
CA GLN A 131 -4.70 -0.93 7.15
C GLN A 131 -6.20 -0.98 7.41
N LEU A 132 -6.62 -0.01 8.22
CA LEU A 132 -8.01 0.10 8.70
C LEU A 132 -8.66 1.38 8.20
N TYR A 133 -9.90 1.23 7.74
CA TYR A 133 -10.78 2.36 7.66
C TYR A 133 -11.78 2.28 8.84
N ILE A 134 -12.12 3.42 9.37
CA ILE A 134 -13.23 3.54 10.36
C ILE A 134 -14.56 3.52 9.60
N TYR A 135 -15.21 2.33 9.53
N TYR A 135 -15.21 2.33 9.53
N TYR A 135 -15.31 2.44 9.76
N TYR A 135 -15.31 2.44 9.76
CA TYR A 135 -16.53 2.10 8.86
CA TYR A 135 -16.53 2.10 8.86
CA TYR A 135 -16.58 2.35 9.11
CA TYR A 135 -16.58 2.35 9.11
C TYR A 135 -17.64 2.75 9.70
C TYR A 135 -17.64 2.75 9.70
C TYR A 135 -17.60 2.97 10.04
C TYR A 135 -17.60 2.97 10.04
N LYS A 136 -18.72 3.17 9.03
N LYS A 136 -18.72 3.17 9.03
N LYS A 136 -18.65 3.48 9.42
N LYS A 136 -18.65 3.48 9.42
CA LYS A 136 -19.91 3.69 9.75
CA LYS A 136 -19.91 3.69 9.75
CA LYS A 136 -19.78 3.90 10.22
CA LYS A 136 -19.78 3.90 10.22
C LYS A 136 -20.34 2.73 10.88
C LYS A 136 -20.34 2.73 10.88
C LYS A 136 -20.24 2.70 11.09
C LYS A 136 -20.24 2.70 11.09
N ASP A 137 -20.22 1.46 10.57
CA ASP A 137 -20.47 0.29 11.47
C ASP A 137 -19.22 0.08 12.34
N ARG A 138 -19.23 0.52 13.55
CA ARG A 138 -18.11 0.35 14.49
C ARG A 138 -17.96 -1.08 14.94
N GLU A 139 -18.97 -1.92 14.72
N GLU A 139 -18.97 -1.92 14.72
N GLU A 139 -19.04 -1.84 14.92
N GLU A 139 -19.04 -1.84 14.92
CA GLU A 139 -18.82 -3.36 15.03
CA GLU A 139 -18.82 -3.36 15.03
CA GLU A 139 -18.98 -3.23 15.36
CA GLU A 139 -18.98 -3.23 15.36
C GLU A 139 -18.02 -4.06 13.90
C GLU A 139 -18.02 -4.06 13.90
C GLU A 139 -17.98 -3.98 14.50
C GLU A 139 -17.98 -3.98 14.50
N VAL A 140 -18.26 -3.65 12.65
N VAL A 140 -18.26 -3.65 12.65
N VAL A 140 -18.12 -3.81 13.18
N VAL A 140 -18.12 -3.81 13.18
CA VAL A 140 -17.41 -4.03 11.51
CA VAL A 140 -17.41 -4.03 11.51
CA VAL A 140 -17.30 -4.59 12.25
CA VAL A 140 -17.30 -4.59 12.25
C VAL A 140 -15.96 -3.65 11.83
C VAL A 140 -15.96 -3.65 11.83
C VAL A 140 -15.90 -3.98 12.24
C VAL A 140 -15.90 -3.98 12.24
N THR A 141 -15.76 -2.42 12.32
N THR A 141 -15.76 -2.42 12.32
N THR A 141 -15.80 -2.67 12.33
N THR A 141 -15.80 -2.67 12.33
CA THR A 141 -14.41 -1.86 12.57
CA THR A 141 -14.41 -1.86 12.57
CA THR A 141 -14.48 -2.07 12.44
CA THR A 141 -14.48 -2.07 12.44
C THR A 141 -13.66 -2.64 13.66
C THR A 141 -13.66 -2.64 13.66
C THR A 141 -13.72 -2.75 13.60
C THR A 141 -13.72 -2.75 13.60
N LYS A 142 -14.34 -2.85 14.79
CA LYS A 142 -13.78 -3.60 15.91
C LYS A 142 -13.41 -5.04 15.54
N LYS A 143 -14.29 -5.70 14.79
N LYS A 143 -14.29 -5.70 14.79
N LYS A 143 -14.24 -5.76 14.80
N LYS A 143 -14.24 -5.76 14.80
CA LYS A 143 -14.08 -7.10 14.36
CA LYS A 143 -14.08 -7.10 14.36
CA LYS A 143 -13.95 -7.17 14.46
CA LYS A 143 -13.95 -7.17 14.46
C LYS A 143 -12.73 -7.18 13.65
C LYS A 143 -12.73 -7.18 13.65
C LYS A 143 -12.80 -7.31 13.42
C LYS A 143 -12.80 -7.31 13.42
N LEU A 144 -12.50 -6.23 12.71
CA LEU A 144 -11.29 -6.21 11.85
C LEU A 144 -10.09 -6.07 12.74
N VAL A 145 -10.11 -5.17 13.71
CA VAL A 145 -9.03 -4.97 14.66
C VAL A 145 -8.79 -6.24 15.48
N ARG A 146 -9.88 -6.79 15.99
CA ARG A 146 -9.75 -8.05 16.78
C ARG A 146 -9.20 -9.19 15.97
N GLN A 147 -9.62 -9.33 14.71
N GLN A 147 -9.62 -9.33 14.71
N GLN A 147 -9.62 -9.33 14.71
N GLN A 147 -9.62 -9.33 14.71
CA GLN A 147 -9.07 -10.36 13.82
CA GLN A 147 -9.07 -10.36 13.82
CA GLN A 147 -9.07 -10.36 13.82
CA GLN A 147 -9.07 -10.36 13.82
C GLN A 147 -7.57 -10.16 13.55
C GLN A 147 -7.57 -10.16 13.55
C GLN A 147 -7.57 -10.17 13.54
C GLN A 147 -7.57 -10.17 13.54
N ALA A 148 -7.16 -8.91 13.36
CA ALA A 148 -5.72 -8.58 13.16
C ALA A 148 -4.94 -9.02 14.36
N GLU A 149 -5.41 -8.64 15.57
N GLU A 149 -5.41 -8.64 15.57
N GLU A 149 -5.48 -8.81 15.55
N GLU A 149 -5.48 -8.81 15.55
CA GLU A 149 -4.73 -8.92 16.88
CA GLU A 149 -4.73 -8.92 16.88
CA GLU A 149 -4.84 -9.30 16.74
CA GLU A 149 -4.84 -9.30 16.74
C GLU A 149 -4.51 -10.40 17.15
C GLU A 149 -4.51 -10.40 17.15
C GLU A 149 -4.74 -10.83 16.67
C GLU A 149 -4.74 -10.83 16.67
N LYS A 150 -5.61 -11.14 17.02
N LYS A 150 -5.61 -11.14 17.02
N LYS A 150 -5.88 -11.48 16.39
N LYS A 150 -5.88 -11.48 16.39
CA LYS A 150 -5.59 -12.61 17.22
CA LYS A 150 -5.59 -12.61 17.22
CA LYS A 150 -5.99 -12.96 16.45
CA LYS A 150 -5.99 -12.96 16.45
C LYS A 150 -4.67 -13.29 16.22
C LYS A 150 -4.67 -13.29 16.22
C LYS A 150 -5.07 -13.63 15.45
C LYS A 150 -5.07 -13.63 15.45
N MET A 151 -4.60 -12.75 14.99
N MET A 151 -4.60 -12.75 14.99
N MET A 151 -4.89 -13.00 14.29
N MET A 151 -4.89 -13.00 14.29
CA MET A 151 -3.83 -13.38 13.94
CA MET A 151 -3.83 -13.38 13.94
CA MET A 151 -4.14 -13.59 13.21
CA MET A 151 -4.14 -13.59 13.21
C MET A 151 -2.41 -12.84 13.80
C MET A 151 -2.41 -12.84 13.80
C MET A 151 -2.68 -13.14 13.08
C MET A 151 -2.68 -13.14 13.08
N GLY A 152 -1.87 -12.15 14.81
N GLY A 152 -1.87 -12.15 14.81
N GLY A 152 -2.14 -12.48 14.09
N GLY A 152 -2.14 -12.48 14.09
CA GLY A 152 -0.47 -11.82 14.83
CA GLY A 152 -0.47 -11.82 14.83
CA GLY A 152 -0.70 -12.23 14.19
CA GLY A 152 -0.70 -12.23 14.19
C GLY A 152 -0.11 -10.83 13.72
C GLY A 152 -0.11 -10.83 13.72
C GLY A 152 -0.16 -10.87 13.74
C GLY A 152 -0.16 -10.87 13.74
N TYR A 153 -1.06 -9.95 13.40
CA TYR A 153 -0.68 -8.69 12.73
C TYR A 153 -0.08 -7.81 13.81
N LYS A 154 0.90 -6.98 13.47
CA LYS A 154 1.69 -6.28 14.42
C LYS A 154 1.44 -4.80 14.62
N ALA A 155 0.59 -4.21 13.77
CA ALA A 155 0.18 -2.84 13.90
C ALA A 155 -1.06 -2.59 13.10
N ILE A 156 -1.69 -1.47 13.41
CA ILE A 156 -2.85 -0.94 12.67
C ILE A 156 -2.40 0.38 12.04
N PHE A 157 -2.62 0.48 10.72
CA PHE A 157 -2.42 1.73 10.00
C PHE A 157 -3.81 2.28 9.69
N VAL A 158 -4.18 3.31 10.45
CA VAL A 158 -5.53 3.87 10.27
C VAL A 158 -5.45 4.98 9.21
N THR A 159 -6.22 4.79 8.16
CA THR A 159 -6.21 5.80 7.05
C THR A 159 -7.07 6.95 7.48
N VAL A 160 -6.53 8.16 7.45
CA VAL A 160 -7.25 9.35 7.95
C VAL A 160 -7.55 10.36 6.91
N ASP A 161 -7.26 10.08 5.65
CA ASP A 161 -7.40 11.06 4.55
C ASP A 161 -8.54 10.78 3.60
N THR A 162 -9.47 9.87 4.00
CA THR A 162 -10.51 9.36 3.12
C THR A 162 -11.88 9.47 3.78
N PRO A 163 -12.34 10.61 4.19
CA PRO A 163 -13.76 10.70 4.65
C PRO A 163 -14.71 10.39 3.55
N TYR A 164 -14.36 10.77 2.32
N TYR A 164 -14.36 10.77 2.32
N TYR A 164 -14.30 10.68 2.31
N TYR A 164 -14.30 10.68 2.31
CA TYR A 164 -15.02 10.44 1.06
CA TYR A 164 -15.02 10.44 1.06
CA TYR A 164 -14.93 10.22 1.08
CA TYR A 164 -14.93 10.22 1.08
C TYR A 164 -13.89 9.98 0.12
C TYR A 164 -13.89 9.98 0.12
C TYR A 164 -13.83 9.71 0.15
C TYR A 164 -13.83 9.71 0.15
N LEU A 165 -14.23 9.30 -0.98
N LEU A 165 -14.23 9.30 -0.98
N LEU A 165 -14.01 8.51 -0.36
N LEU A 165 -14.01 8.51 -0.36
CA LEU A 165 -13.28 8.90 -1.98
CA LEU A 165 -13.28 8.90 -1.98
CA LEU A 165 -13.06 7.88 -1.27
CA LEU A 165 -13.06 7.88 -1.27
C LEU A 165 -12.95 10.09 -2.90
C LEU A 165 -12.95 10.09 -2.90
C LEU A 165 -13.21 8.49 -2.64
C LEU A 165 -13.21 8.49 -2.64
N GLY A 166 -11.67 10.18 -3.27
N GLY A 166 -11.67 10.18 -3.27
N GLY A 166 -12.14 9.16 -3.12
N GLY A 166 -12.14 9.16 -3.12
CA GLY A 166 -11.27 11.11 -4.31
CA GLY A 166 -11.27 11.11 -4.31
CA GLY A 166 -12.16 9.90 -4.37
CA GLY A 166 -12.16 9.90 -4.37
C GLY A 166 -11.96 10.83 -5.63
C GLY A 166 -11.96 10.83 -5.63
C GLY A 166 -12.05 9.06 -5.64
C GLY A 166 -12.05 9.06 -5.64
N ASN A 167 -11.97 11.82 -6.52
N ASN A 167 -11.97 11.82 -6.52
N ASN A 167 -11.24 7.99 -5.60
N ASN A 167 -11.24 7.99 -5.60
CA ASN A 167 -12.59 11.73 -7.83
CA ASN A 167 -12.59 11.73 -7.83
CA ASN A 167 -10.95 7.14 -6.77
CA ASN A 167 -10.95 7.14 -6.77
C ASN A 167 -11.50 11.38 -8.85
C ASN A 167 -11.50 11.38 -8.85
C ASN A 167 -11.75 5.85 -6.62
C ASN A 167 -11.75 5.85 -6.62
N ARG A 168 -11.43 10.09 -9.17
N ARG A 168 -11.43 10.09 -9.17
CA ARG A 168 -10.48 9.56 -10.16
CA ARG A 168 -10.48 9.56 -10.16
C ARG A 168 -11.26 9.49 -11.47
C ARG A 168 -11.26 9.49 -11.47
N LEU A 169 -10.93 10.37 -12.42
N LEU A 169 -10.93 10.37 -12.42
CA LEU A 169 -11.73 10.54 -13.61
CA LEU A 169 -11.73 10.54 -13.61
C LEU A 169 -11.86 9.28 -14.46
C LEU A 169 -11.86 9.28 -14.46
N ASP A 170 -10.78 8.54 -14.65
N ASP A 170 -10.78 8.54 -14.65
CA ASP A 170 -10.90 7.30 -15.45
CA ASP A 170 -10.90 7.30 -15.45
C ASP A 170 -11.88 6.29 -14.82
C ASP A 170 -11.88 6.29 -14.82
N ASP A 171 -11.93 6.17 -13.50
N ASP A 171 -11.93 6.17 -13.50
CA ASP A 171 -12.90 5.23 -12.84
CA ASP A 171 -12.90 5.23 -12.84
C ASP A 171 -14.32 5.64 -13.11
C ASP A 171 -14.32 5.64 -13.11
N VAL A 172 -14.58 6.95 -13.11
N VAL A 172 -14.58 6.95 -13.11
CA VAL A 172 -15.90 7.47 -13.43
CA VAL A 172 -15.90 7.47 -13.43
C VAL A 172 -16.20 7.15 -14.89
C VAL A 172 -16.20 7.15 -14.89
N ARG A 173 -15.29 7.42 -15.83
N ARG A 173 -15.29 7.42 -15.83
CA ARG A 173 -15.48 7.10 -17.27
CA ARG A 173 -15.48 7.10 -17.27
C ARG A 173 -15.69 5.60 -17.49
C ARG A 173 -15.69 5.60 -17.49
N ASN A 174 -14.83 4.78 -16.90
N ASN A 174 -14.83 4.78 -16.90
CA ASN A 174 -14.94 3.30 -16.98
CA ASN A 174 -14.94 3.30 -16.98
C ASN A 174 -16.05 2.65 -16.10
C ASN A 174 -16.05 2.65 -16.10
N ARG A 175 -16.76 3.44 -15.28
N ARG A 175 -16.76 3.44 -15.28
CA ARG A 175 -17.69 2.93 -14.22
CA ARG A 175 -17.69 2.93 -14.22
C ARG A 175 -17.10 1.76 -13.44
C ARG A 175 -17.10 1.76 -13.44
N PHE A 176 -15.97 2.04 -12.80
N PHE A 176 -15.97 2.04 -12.80
CA PHE A 176 -15.19 0.99 -12.17
CA PHE A 176 -15.19 0.99 -12.17
C PHE A 176 -16.03 0.17 -11.18
C PHE A 176 -16.03 0.17 -11.18
N LYS A 177 -15.82 -1.14 -11.22
N LYS A 177 -15.82 -1.14 -11.22
CA LYS A 177 -16.26 -2.06 -10.18
CA LYS A 177 -16.26 -2.06 -10.18
C LYS A 177 -15.41 -3.33 -10.26
C LYS A 177 -15.41 -3.33 -10.26
N LEU A 178 -15.59 -4.21 -9.28
N LEU A 178 -15.59 -4.21 -9.28
CA LEU A 178 -14.86 -5.47 -9.27
CA LEU A 178 -14.86 -5.47 -9.27
C LEU A 178 -15.32 -6.40 -10.40
C LEU A 178 -15.32 -6.40 -10.40
N PRO A 179 -14.39 -7.21 -10.97
N PRO A 179 -14.39 -7.21 -10.97
CA PRO A 179 -14.80 -8.32 -11.83
CA PRO A 179 -14.80 -8.32 -11.83
C PRO A 179 -15.77 -9.24 -11.06
C PRO A 179 -15.77 -9.24 -11.06
N PRO A 180 -16.67 -9.94 -11.78
N PRO A 180 -16.67 -9.94 -11.78
CA PRO A 180 -17.77 -10.67 -11.11
CA PRO A 180 -17.77 -10.67 -11.11
C PRO A 180 -17.36 -11.83 -10.20
C PRO A 180 -17.36 -11.83 -10.20
N GLN A 181 -16.21 -12.44 -10.41
N GLN A 181 -16.21 -12.44 -10.41
CA GLN A 181 -15.77 -13.56 -9.58
CA GLN A 181 -15.77 -13.56 -9.58
C GLN A 181 -15.05 -13.14 -8.29
C GLN A 181 -15.05 -13.14 -8.29
N LEU A 182 -14.95 -11.83 -7.99
N LEU A 182 -14.95 -11.83 -7.99
CA LEU A 182 -14.19 -11.34 -6.84
CA LEU A 182 -14.19 -11.34 -6.84
C LEU A 182 -15.07 -10.58 -5.83
C LEU A 182 -15.07 -10.58 -5.83
N ARG A 183 -14.60 -10.52 -4.59
N ARG A 183 -14.60 -10.52 -4.59
CA ARG A 183 -15.24 -9.73 -3.53
CA ARG A 183 -15.24 -9.73 -3.53
C ARG A 183 -14.20 -9.13 -2.60
C ARG A 183 -14.20 -9.13 -2.60
N MET A 184 -14.59 -8.10 -1.85
N MET A 184 -14.59 -8.10 -1.85
CA MET A 184 -13.84 -7.67 -0.68
CA MET A 184 -13.84 -7.67 -0.68
C MET A 184 -14.13 -8.70 0.42
C MET A 184 -14.13 -8.70 0.42
N LYS A 185 -13.16 -9.53 0.71
N LYS A 185 -13.16 -9.53 0.71
CA LYS A 185 -13.36 -10.74 1.51
CA LYS A 185 -13.36 -10.74 1.51
C LYS A 185 -13.43 -10.60 3.02
C LYS A 185 -13.43 -10.60 3.02
N ASN A 186 -13.34 -9.38 3.58
N ASN A 186 -13.34 -9.38 3.58
CA ASN A 186 -13.36 -9.19 5.04
CA ASN A 186 -13.36 -9.19 5.04
C ASN A 186 -14.71 -8.81 5.65
C ASN A 186 -14.71 -8.81 5.65
N PHE A 187 -15.78 -8.87 4.86
N PHE A 187 -15.78 -8.87 4.86
CA PHE A 187 -17.10 -8.41 5.29
CA PHE A 187 -17.10 -8.41 5.29
C PHE A 187 -18.17 -9.43 4.95
C PHE A 187 -18.17 -9.43 4.95
N ASP A 203 -21.58 6.06 -11.79
N ASP A 203 -21.58 6.06 -11.79
CA ASP A 203 -20.26 6.71 -11.74
CA ASP A 203 -20.26 6.71 -11.74
C ASP A 203 -19.21 5.69 -11.27
C ASP A 203 -19.21 5.69 -11.27
N SER A 204 -18.23 6.08 -10.44
N SER A 204 -18.23 6.08 -10.44
CA SER A 204 -17.32 5.10 -9.89
CA SER A 204 -17.32 5.10 -9.89
C SER A 204 -18.06 4.28 -8.87
C SER A 204 -18.06 4.28 -8.87
N GLY A 205 -18.06 2.97 -9.06
N GLY A 205 -18.06 2.97 -9.06
CA GLY A 205 -18.61 2.05 -8.07
CA GLY A 205 -18.61 2.05 -8.07
C GLY A 205 -17.97 2.17 -6.71
C GLY A 205 -17.97 2.17 -6.71
N LEU A 206 -16.66 2.42 -6.71
N LEU A 206 -16.66 2.42 -6.71
CA LEU A 206 -15.93 2.49 -5.46
CA LEU A 206 -15.93 2.49 -5.46
C LEU A 206 -16.24 3.77 -4.71
C LEU A 206 -16.24 3.77 -4.71
N ALA A 207 -16.38 4.91 -5.40
N ALA A 207 -16.38 4.91 -5.40
CA ALA A 207 -16.79 6.14 -4.71
CA ALA A 207 -16.79 6.14 -4.71
C ALA A 207 -18.15 5.99 -4.03
C ALA A 207 -18.15 5.99 -4.03
N ALA A 208 -19.10 5.35 -4.70
N ALA A 208 -19.10 5.35 -4.70
CA ALA A 208 -20.42 5.07 -4.11
CA ALA A 208 -20.42 5.07 -4.11
C ALA A 208 -20.34 4.10 -2.90
C ALA A 208 -20.34 4.10 -2.90
N TYR A 209 -19.49 3.07 -3.00
N TYR A 209 -19.49 3.07 -3.00
CA TYR A 209 -19.24 2.14 -1.91
CA TYR A 209 -19.24 2.14 -1.91
C TYR A 209 -18.74 2.91 -0.71
C TYR A 209 -18.74 2.91 -0.71
N VAL A 210 -17.74 3.77 -0.91
N VAL A 210 -17.74 3.77 -0.91
CA VAL A 210 -17.21 4.56 0.19
CA VAL A 210 -17.21 4.56 0.19
C VAL A 210 -18.31 5.39 0.85
C VAL A 210 -18.31 5.39 0.85
N ALA A 211 -19.08 6.11 0.04
N ALA A 211 -19.08 6.11 0.04
N ALA A 211 -17.27 1.41 -0.09
N ALA A 211 -17.27 1.41 -0.09
CA ALA A 211 -20.17 6.95 0.53
CA ALA A 211 -20.17 6.95 0.53
CA ALA A 211 -16.74 2.79 -0.15
CA ALA A 211 -16.74 2.79 -0.15
C ALA A 211 -21.15 6.18 1.43
C ALA A 211 -21.15 6.18 1.43
C ALA A 211 -17.67 3.77 0.56
C ALA A 211 -17.67 3.77 0.56
N LYS A 212 -21.43 4.93 1.04
N LYS A 212 -21.43 4.93 1.04
N LYS A 212 -18.98 3.60 0.39
N LYS A 212 -18.98 3.60 0.39
CA LYS A 212 -22.33 4.05 1.82
CA LYS A 212 -22.33 4.05 1.82
CA LYS A 212 -19.98 4.38 1.11
CA LYS A 212 -19.98 4.38 1.11
C LYS A 212 -21.71 3.44 3.07
C LYS A 212 -21.71 3.44 3.07
C LYS A 212 -19.96 4.14 2.61
C LYS A 212 -19.96 4.14 2.61
N ALA A 213 -20.43 3.06 3.01
N ALA A 213 -20.43 3.06 3.01
N ALA A 213 -19.58 2.92 3.00
N ALA A 213 -19.58 2.92 3.00
CA ALA A 213 -19.74 2.27 4.04
CA ALA A 213 -19.74 2.27 4.04
CA ALA A 213 -19.41 2.53 4.41
CA ALA A 213 -19.41 2.53 4.41
C ALA A 213 -18.84 3.02 5.00
C ALA A 213 -18.84 3.02 5.00
C ALA A 213 -18.38 3.31 5.23
C ALA A 213 -18.38 3.31 5.23
N ILE A 214 -18.13 4.03 4.51
N ILE A 214 -18.13 4.03 4.51
N ILE A 214 -17.39 3.94 4.61
N ILE A 214 -17.39 3.94 4.61
CA ILE A 214 -17.04 4.68 5.23
CA ILE A 214 -17.04 4.68 5.23
CA ILE A 214 -16.49 4.78 5.36
CA ILE A 214 -16.49 4.78 5.36
C ILE A 214 -17.52 5.97 5.94
C ILE A 214 -17.52 5.97 5.94
C ILE A 214 -17.31 5.96 5.91
C ILE A 214 -17.31 5.96 5.91
N ASP A 215 -17.06 6.22 7.17
CA ASP A 215 -17.66 7.29 7.96
C ASP A 215 -16.99 8.64 7.68
N PRO A 216 -17.73 9.59 7.09
CA PRO A 216 -17.13 10.93 6.87
C PRO A 216 -17.10 11.80 8.11
N SER A 217 -17.75 11.37 9.20
CA SER A 217 -17.72 12.08 10.40
C SER A 217 -16.55 11.90 11.34
N ILE A 218 -15.61 11.04 11.02
N ILE A 218 -15.61 11.04 11.02
N ILE A 218 -15.59 11.06 10.98
N ILE A 218 -15.59 11.06 10.98
CA ILE A 218 -14.66 10.76 12.07
CA ILE A 218 -14.66 10.76 12.07
CA ILE A 218 -14.57 10.72 11.97
CA ILE A 218 -14.57 10.72 11.97
C ILE A 218 -13.76 11.94 12.39
C ILE A 218 -13.76 11.94 12.39
C ILE A 218 -13.74 11.94 12.38
C ILE A 218 -13.74 11.94 12.38
N SER A 219 -13.40 11.99 13.66
CA SER A 219 -12.65 13.05 14.21
C SER A 219 -11.64 12.42 15.11
N TRP A 220 -10.88 13.28 15.71
CA TRP A 220 -9.90 12.90 16.74
C TRP A 220 -10.55 12.12 17.87
N GLU A 221 -11.85 12.31 18.11
CA GLU A 221 -12.52 11.47 19.11
C GLU A 221 -12.58 10.02 18.77
N ASP A 222 -12.70 9.68 17.49
CA ASP A 222 -12.65 8.36 17.00
C ASP A 222 -11.25 7.75 17.07
N ILE A 223 -10.23 8.57 16.95
CA ILE A 223 -8.84 8.12 17.16
C ILE A 223 -8.70 7.73 18.63
N LYS A 224 -9.25 8.55 19.55
CA LYS A 224 -9.25 8.19 20.98
C LYS A 224 -9.90 6.87 21.20
N TRP A 225 -11.03 6.60 20.56
CA TRP A 225 -11.75 5.33 20.61
C TRP A 225 -10.86 4.19 20.16
N LEU A 226 -10.22 4.37 19.00
CA LEU A 226 -9.41 3.30 18.41
C LEU A 226 -8.18 3.03 19.34
N ARG A 227 -7.60 4.08 19.91
N ARG A 227 -7.60 4.08 19.91
N ARG A 227 -7.57 4.07 19.89
N ARG A 227 -7.57 4.07 19.89
CA ARG A 227 -6.43 3.96 20.80
CA ARG A 227 -6.43 3.96 20.80
CA ARG A 227 -6.42 3.94 20.81
CA ARG A 227 -6.42 3.94 20.81
C ARG A 227 -6.73 3.24 22.13
C ARG A 227 -6.73 3.24 22.13
C ARG A 227 -6.81 3.05 22.03
C ARG A 227 -6.81 3.05 22.03
N ARG A 228 -8.00 3.28 22.54
CA ARG A 228 -8.50 2.53 23.73
C ARG A 228 -8.85 1.09 23.32
N LEU A 229 -9.25 0.82 22.08
CA LEU A 229 -9.72 -0.41 21.58
C LEU A 229 -8.61 -1.45 21.53
N THR A 230 -7.40 -1.04 21.14
CA THR A 230 -6.32 -1.98 20.95
C THR A 230 -5.03 -1.50 21.56
N SER A 231 -4.21 -2.44 22.02
CA SER A 231 -2.85 -2.19 22.47
C SER A 231 -1.83 -2.30 21.33
N LEU A 232 -2.26 -2.76 20.15
CA LEU A 232 -1.31 -2.77 19.02
C LEU A 232 -0.84 -1.34 18.72
N PRO A 233 0.36 -1.24 18.18
CA PRO A 233 0.81 0.08 17.67
C PRO A 233 -0.14 0.58 16.59
N ILE A 234 -0.37 1.87 16.61
CA ILE A 234 -1.30 2.47 15.59
C ILE A 234 -0.52 3.56 14.90
N VAL A 235 -0.55 3.56 13.55
CA VAL A 235 0.10 4.59 12.73
C VAL A 235 -1.01 5.35 11.99
N ALA A 236 -0.94 6.67 12.05
CA ALA A 236 -1.86 7.51 11.29
C ALA A 236 -1.33 7.64 9.86
N LYS A 237 -2.12 7.16 8.91
CA LYS A 237 -1.78 7.15 7.48
C LYS A 237 -2.55 8.22 6.76
N GLY A 238 -1.80 9.11 6.09
CA GLY A 238 -2.41 10.21 5.32
C GLY A 238 -2.20 11.58 5.89
N ILE A 239 -1.38 11.78 6.88
CA ILE A 239 -1.07 13.07 7.38
C ILE A 239 -0.14 13.82 6.50
N LEU A 240 -0.47 15.10 6.31
CA LEU A 240 0.29 16.03 5.47
C LEU A 240 0.69 17.33 6.14
N ARG A 241 0.23 17.59 7.37
CA ARG A 241 0.49 18.83 8.13
C ARG A 241 1.19 18.47 9.43
N GLY A 242 2.12 19.33 9.78
CA GLY A 242 2.81 19.17 11.12
C GLY A 242 1.90 19.27 12.32
N ASP A 243 0.92 20.17 12.22
CA ASP A 243 -0.03 20.28 13.34
C ASP A 243 -0.82 19.01 13.59
N ASP A 244 -1.28 18.37 12.48
CA ASP A 244 -1.96 17.09 12.56
C ASP A 244 -1.04 15.97 13.09
N ALA A 245 0.22 15.99 12.66
CA ALA A 245 1.12 15.01 13.18
C ALA A 245 1.31 15.15 14.71
N ARG A 246 1.40 16.39 15.17
N ARG A 246 1.40 16.39 15.17
N ARG A 246 1.41 16.39 15.19
N ARG A 246 1.41 16.39 15.19
CA ARG A 246 1.57 16.64 16.60
CA ARG A 246 1.57 16.64 16.60
CA ARG A 246 1.52 16.62 16.66
CA ARG A 246 1.52 16.62 16.66
C ARG A 246 0.32 16.23 17.36
C ARG A 246 0.32 16.23 17.36
C ARG A 246 0.29 16.08 17.36
C ARG A 246 0.29 16.08 17.36
N GLU A 247 -0.87 16.37 16.77
CA GLU A 247 -2.10 15.88 17.34
C GLU A 247 -2.11 14.37 17.40
N ALA A 248 -1.59 13.65 16.38
CA ALA A 248 -1.54 12.21 16.46
C ALA A 248 -0.63 11.72 17.61
N VAL A 249 0.47 12.40 17.78
CA VAL A 249 1.37 12.05 18.89
C VAL A 249 0.64 12.32 20.26
N LYS A 250 -0.06 13.44 20.34
CA LYS A 250 -0.81 13.76 21.58
C LYS A 250 -1.84 12.69 21.90
N HIS A 251 -2.46 12.03 20.91
CA HIS A 251 -3.45 10.98 21.04
C HIS A 251 -2.90 9.60 21.28
N GLY A 252 -1.58 9.52 21.43
CA GLY A 252 -0.93 8.29 21.83
C GLY A 252 -0.65 7.33 20.66
N LEU A 253 -0.72 7.88 19.43
CA LEU A 253 -0.37 7.05 18.33
C LEU A 253 1.15 6.84 18.22
N ASN A 254 1.52 5.79 17.48
CA ASN A 254 2.89 5.27 17.52
C ASN A 254 3.69 5.53 16.23
N GLY A 255 3.11 6.23 15.29
CA GLY A 255 3.86 6.55 14.05
C GLY A 255 2.97 7.36 13.14
N ILE A 256 3.60 7.99 12.15
CA ILE A 256 2.93 8.79 11.15
C ILE A 256 3.39 8.23 9.80
N LEU A 257 2.46 7.89 8.93
CA LEU A 257 2.75 7.55 7.49
C LEU A 257 2.36 8.79 6.67
N VAL A 258 3.37 9.56 6.27
CA VAL A 258 3.23 10.73 5.43
C VAL A 258 2.85 10.19 4.06
N SER A 259 1.63 10.55 3.65
CA SER A 259 1.00 9.97 2.50
C SER A 259 -0.03 10.90 1.97
N ASN A 260 -0.13 10.96 0.65
CA ASN A 260 -1.26 11.61 -0.06
C ASN A 260 -2.11 10.60 -0.72
N HIS A 261 -2.08 9.37 -0.23
CA HIS A 261 -2.94 8.25 -0.74
C HIS A 261 -2.59 7.91 -2.20
N GLY A 262 -1.32 7.99 -2.55
CA GLY A 262 -0.89 7.73 -3.92
C GLY A 262 -1.45 8.78 -4.85
N ALA A 263 -1.68 9.99 -4.38
CA ALA A 263 -2.24 11.08 -5.14
C ALA A 263 -3.66 10.84 -5.63
N ARG A 264 -4.42 10.05 -4.86
N ARG A 264 -4.42 10.05 -4.86
N ARG A 264 -4.43 10.03 -4.88
N ARG A 264 -4.43 10.03 -4.88
CA ARG A 264 -5.72 9.60 -5.29
CA ARG A 264 -5.72 9.60 -5.29
CA ARG A 264 -5.78 9.61 -5.30
CA ARG A 264 -5.78 9.61 -5.30
C ARG A 264 -6.88 10.29 -4.58
C ARG A 264 -6.88 10.29 -4.58
C ARG A 264 -6.90 10.23 -4.49
C ARG A 264 -6.90 10.23 -4.49
N GLN A 265 -6.56 11.15 -3.61
CA GLN A 265 -7.58 11.80 -2.73
C GLN A 265 -7.72 13.24 -3.15
N LEU A 266 -7.12 14.18 -2.40
CA LEU A 266 -7.16 15.63 -2.78
C LEU A 266 -6.02 15.90 -3.77
N ASP A 267 -6.37 16.38 -4.98
CA ASP A 267 -5.32 16.73 -5.91
C ASP A 267 -4.84 18.14 -5.61
N GLY A 268 -3.56 18.34 -5.83
CA GLY A 268 -2.92 19.61 -5.52
C GLY A 268 -2.30 19.72 -4.17
N VAL A 269 -2.28 18.67 -3.38
CA VAL A 269 -1.42 18.60 -2.21
C VAL A 269 0.03 18.42 -2.64
N PRO A 270 0.97 18.75 -1.79
CA PRO A 270 2.36 18.56 -2.15
C PRO A 270 2.72 17.07 -2.27
N ALA A 271 3.84 16.88 -2.92
CA ALA A 271 4.49 15.57 -2.89
C ALA A 271 4.84 15.16 -1.49
N THR A 272 4.80 13.85 -1.19
CA THR A 272 5.12 13.39 0.16
C THR A 272 6.57 13.65 0.54
N ILE A 273 7.53 13.57 -0.39
CA ILE A 273 8.93 13.82 -0.05
C ILE A 273 9.14 15.28 0.31
N ASP A 274 8.33 16.17 -0.23
CA ASP A 274 8.43 17.57 0.15
C ASP A 274 7.83 17.89 1.48
N VAL A 275 6.81 17.20 1.94
CA VAL A 275 6.27 17.51 3.26
C VAL A 275 6.91 16.70 4.31
N LEU A 276 7.66 15.62 4.02
CA LEU A 276 8.32 14.77 4.99
C LEU A 276 9.15 15.59 6.01
N PRO A 277 10.01 16.53 5.55
CA PRO A 277 10.82 17.19 6.60
C PRO A 277 10.00 17.95 7.61
N GLU A 278 8.90 18.55 7.23
CA GLU A 278 8.07 19.30 8.23
C GLU A 278 7.53 18.35 9.21
N ILE A 279 7.11 17.17 8.80
CA ILE A 279 6.53 16.18 9.70
C ILE A 279 7.55 15.59 10.64
N VAL A 280 8.72 15.23 10.09
CA VAL A 280 9.82 14.75 10.95
C VAL A 280 10.15 15.82 12.02
N GLU A 281 10.22 17.09 11.65
N GLU A 281 10.22 17.09 11.65
N GLU A 281 10.22 17.08 11.69
N GLU A 281 10.22 17.08 11.69
CA GLU A 281 10.51 18.20 12.59
CA GLU A 281 10.51 18.20 12.59
CA GLU A 281 10.53 18.09 12.70
CA GLU A 281 10.53 18.09 12.70
C GLU A 281 9.43 18.34 13.65
C GLU A 281 9.43 18.34 13.65
C GLU A 281 9.40 18.17 13.73
C GLU A 281 9.40 18.17 13.73
N ALA A 282 8.16 18.19 13.25
CA ALA A 282 7.03 18.38 14.14
C ALA A 282 6.93 17.33 15.21
N VAL A 283 7.28 16.08 14.93
CA VAL A 283 7.13 15.03 15.90
C VAL A 283 8.31 14.92 16.91
N GLU A 284 9.39 15.55 16.63
CA GLU A 284 10.50 15.69 17.65
C GLU A 284 10.97 14.35 18.10
N GLY A 285 11.05 13.38 17.20
CA GLY A 285 11.55 12.11 17.54
C GLY A 285 10.69 11.18 18.39
N LYS A 286 9.43 11.64 18.64
CA LYS A 286 8.59 10.88 19.55
C LYS A 286 8.03 9.61 18.99
N VAL A 287 7.79 9.57 17.63
CA VAL A 287 7.32 8.39 16.95
C VAL A 287 8.07 8.31 15.60
N GLU A 288 8.11 7.11 15.08
CA GLU A 288 8.63 6.87 13.71
C GLU A 288 7.74 7.55 12.68
N VAL A 289 8.39 8.04 11.65
CA VAL A 289 7.76 8.64 10.49
C VAL A 289 8.11 7.86 9.23
N PHE A 290 7.11 7.49 8.43
CA PHE A 290 7.22 6.69 7.22
C PHE A 290 6.75 7.55 6.07
N LEU A 291 7.08 7.11 4.85
CA LEU A 291 6.62 7.80 3.62
C LEU A 291 6.10 6.81 2.61
N ASP A 292 5.05 7.19 1.86
CA ASP A 292 4.72 6.53 0.61
C ASP A 292 4.37 7.60 -0.41
N GLY A 293 4.24 7.21 -1.67
CA GLY A 293 3.92 8.13 -2.74
C GLY A 293 5.10 8.37 -3.68
N GLY A 294 5.15 7.70 -4.82
CA GLY A 294 6.15 7.98 -5.81
C GLY A 294 7.45 7.25 -5.67
N VAL A 295 7.56 6.30 -4.76
CA VAL A 295 8.80 5.52 -4.61
C VAL A 295 8.90 4.51 -5.75
N ARG A 296 9.91 4.65 -6.58
CA ARG A 296 10.14 3.80 -7.76
C ARG A 296 11.52 3.31 -7.86
N LYS A 297 12.47 3.90 -7.16
CA LYS A 297 13.92 3.69 -7.35
C LYS A 297 14.60 3.62 -6.05
N GLY A 298 15.74 2.90 -5.98
CA GLY A 298 16.56 2.90 -4.77
C GLY A 298 16.96 4.29 -4.29
N THR A 299 17.25 5.24 -5.18
CA THR A 299 17.62 6.57 -4.72
C THR A 299 16.45 7.26 -4.03
N ASP A 300 15.22 6.94 -4.41
CA ASP A 300 14.04 7.48 -3.71
C ASP A 300 14.04 7.10 -2.26
N VAL A 301 14.29 5.82 -2.02
CA VAL A 301 14.39 5.30 -0.65
C VAL A 301 15.48 6.00 0.11
N LEU A 302 16.67 6.18 -0.49
CA LEU A 302 17.74 6.84 0.15
C LEU A 302 17.39 8.28 0.51
N LYS A 303 16.76 9.00 -0.39
CA LYS A 303 16.36 10.37 -0.09
C LYS A 303 15.38 10.43 1.05
N ALA A 304 14.42 9.57 1.11
CA ALA A 304 13.44 9.59 2.16
C ALA A 304 14.10 9.32 3.50
N LEU A 305 15.04 8.37 3.58
CA LEU A 305 15.74 8.06 4.83
C LEU A 305 16.63 9.22 5.20
N ALA A 306 17.24 9.89 4.27
CA ALA A 306 18.13 11.02 4.61
C ALA A 306 17.32 12.13 5.23
N LEU A 307 16.05 12.28 4.81
CA LEU A 307 15.16 13.33 5.36
C LEU A 307 14.45 12.83 6.59
N GLY A 308 14.72 11.64 7.11
CA GLY A 308 14.26 11.30 8.43
C GLY A 308 13.22 10.21 8.48
N ALA A 309 12.71 9.72 7.34
CA ALA A 309 11.80 8.57 7.36
C ALA A 309 12.49 7.33 7.87
N LYS A 310 11.82 6.51 8.64
CA LYS A 310 12.39 5.21 9.03
C LYS A 310 12.35 4.18 7.94
N ALA A 311 11.27 4.22 7.11
CA ALA A 311 11.07 3.28 6.01
C ALA A 311 10.06 3.90 5.10
N VAL A 312 10.02 3.32 3.90
CA VAL A 312 9.04 3.74 2.91
C VAL A 312 8.17 2.56 2.50
N PHE A 313 6.99 2.87 1.99
CA PHE A 313 6.01 1.91 1.50
C PHE A 313 5.84 2.11 0.02
N VAL A 314 5.64 1.04 -0.74
CA VAL A 314 5.38 1.04 -2.15
C VAL A 314 4.00 0.51 -2.42
N GLY A 315 3.22 1.22 -3.22
CA GLY A 315 1.90 0.81 -3.63
C GLY A 315 1.88 0.23 -5.02
N ARG A 316 1.77 1.05 -6.03
CA ARG A 316 1.59 0.60 -7.41
C ARG A 316 2.66 -0.40 -7.83
N PRO A 317 3.92 -0.24 -7.52
CA PRO A 317 4.97 -1.20 -8.06
C PRO A 317 4.57 -2.65 -7.70
N ILE A 318 3.97 -2.87 -6.55
CA ILE A 318 3.57 -4.23 -6.13
C ILE A 318 2.51 -4.76 -7.03
N VAL A 319 1.52 -3.97 -7.39
CA VAL A 319 0.46 -4.37 -8.33
C VAL A 319 1.08 -4.68 -9.64
N TRP A 320 2.04 -3.92 -10.15
CA TRP A 320 2.65 -4.25 -11.42
C TRP A 320 3.42 -5.56 -11.31
N GLY A 321 4.04 -5.86 -10.22
CA GLY A 321 4.68 -7.17 -9.97
C GLY A 321 3.66 -8.28 -10.06
N LEU A 322 2.50 -8.12 -9.50
N LEU A 322 2.50 -8.12 -9.50
N LEU A 322 2.61 -8.21 -9.23
N LEU A 322 2.61 -8.21 -9.23
CA LEU A 322 1.45 -9.12 -9.70
CA LEU A 322 1.45 -9.12 -9.70
CA LEU A 322 1.51 -9.19 -9.19
CA LEU A 322 1.51 -9.19 -9.19
C LEU A 322 1.08 -9.28 -11.17
C LEU A 322 1.08 -9.28 -11.17
C LEU A 322 0.95 -9.48 -10.59
C LEU A 322 0.95 -9.48 -10.59
N ALA A 323 0.93 -8.19 -11.90
N ALA A 323 0.93 -8.19 -11.90
N ALA A 323 0.67 -8.44 -11.36
N ALA A 323 0.67 -8.44 -11.36
CA ALA A 323 0.46 -8.23 -13.28
CA ALA A 323 0.46 -8.23 -13.28
CA ALA A 323 0.17 -8.55 -12.72
CA ALA A 323 0.17 -8.55 -12.72
C ALA A 323 1.45 -8.96 -14.18
C ALA A 323 1.45 -8.96 -14.18
C ALA A 323 1.15 -9.30 -13.65
C ALA A 323 1.15 -9.30 -13.65
N PHE A 324 2.74 -8.85 -13.88
N PHE A 324 2.74 -8.85 -13.88
N PHE A 324 2.45 -9.11 -13.43
N PHE A 324 2.45 -9.11 -13.43
CA PHE A 324 3.73 -9.55 -14.67
CA PHE A 324 3.73 -9.55 -14.67
CA PHE A 324 3.50 -9.87 -14.13
CA PHE A 324 3.50 -9.87 -14.13
C PHE A 324 3.67 -11.03 -14.40
C PHE A 324 3.67 -11.03 -14.40
C PHE A 324 3.48 -11.37 -13.83
C PHE A 324 3.48 -11.37 -13.83
N GLN A 325 3.82 -11.42 -13.14
N GLN A 325 3.82 -11.42 -13.14
N GLN A 325 3.49 -11.72 -12.56
N GLN A 325 3.49 -11.72 -12.56
CA GLN A 325 4.06 -12.84 -12.79
CA GLN A 325 4.06 -12.84 -12.79
CA GLN A 325 3.69 -13.12 -12.15
CA GLN A 325 3.69 -13.12 -12.15
C GLN A 325 3.71 -13.20 -11.35
C GLN A 325 3.71 -13.20 -11.35
C GLN A 325 3.39 -13.44 -10.70
C GLN A 325 3.39 -13.44 -10.70
N GLY A 326 2.62 -12.64 -10.83
N GLY A 326 2.62 -12.64 -10.83
N GLY A 326 2.34 -12.82 -10.16
N GLY A 326 2.34 -12.82 -10.16
CA GLY A 326 2.15 -13.02 -9.49
CA GLY A 326 2.15 -13.02 -9.49
CA GLY A 326 1.95 -13.12 -8.80
CA GLY A 326 1.95 -13.12 -8.80
C GLY A 326 3.20 -12.88 -8.41
C GLY A 326 3.20 -12.88 -8.41
C GLY A 326 3.08 -12.99 -7.81
C GLY A 326 3.08 -12.99 -7.81
N GLU A 327 3.27 -13.90 -7.53
N GLU A 327 3.27 -13.90 -7.53
N GLU A 327 3.29 -14.03 -7.02
N GLU A 327 3.29 -14.03 -7.02
CA GLU A 327 4.18 -13.93 -6.35
CA GLU A 327 4.18 -13.93 -6.35
CA GLU A 327 4.35 -13.98 -6.06
CA GLU A 327 4.35 -13.98 -6.06
C GLU A 327 5.63 -13.66 -6.74
C GLU A 327 5.63 -13.66 -6.74
C GLU A 327 5.71 -13.65 -6.72
C GLU A 327 5.71 -13.65 -6.72
N LYS A 328 6.08 -14.33 -7.80
CA LYS A 328 7.42 -14.14 -8.38
C LYS A 328 7.60 -12.73 -8.85
N GLY A 329 6.58 -12.13 -9.44
CA GLY A 329 6.68 -10.76 -9.95
C GLY A 329 6.74 -9.77 -8.78
N VAL A 330 6.04 -9.99 -7.70
CA VAL A 330 6.18 -9.12 -6.51
C VAL A 330 7.60 -9.27 -5.95
N GLN A 331 8.09 -10.51 -5.83
N GLN A 331 8.09 -10.51 -5.83
N GLN A 331 8.10 -10.51 -5.86
N GLN A 331 8.10 -10.51 -5.86
CA GLN A 331 9.46 -10.77 -5.38
CA GLN A 331 9.46 -10.77 -5.38
CA GLN A 331 9.44 -10.76 -5.35
CA GLN A 331 9.44 -10.76 -5.35
C GLN A 331 10.45 -10.03 -6.24
C GLN A 331 10.45 -10.03 -6.24
C GLN A 331 10.46 -10.05 -6.23
C GLN A 331 10.46 -10.05 -6.23
N ASP A 332 10.26 -10.07 -7.55
CA ASP A 332 11.21 -9.43 -8.47
C ASP A 332 11.22 -7.90 -8.24
N VAL A 333 10.03 -7.31 -8.09
CA VAL A 333 9.94 -5.86 -7.89
C VAL A 333 10.67 -5.50 -6.59
N LEU A 334 10.42 -6.24 -5.52
CA LEU A 334 11.06 -5.97 -4.23
C LEU A 334 12.55 -6.17 -4.29
N GLU A 335 12.99 -7.19 -5.06
CA GLU A 335 14.43 -7.41 -5.20
C GLU A 335 15.08 -6.33 -6.02
N ILE A 336 14.42 -5.82 -7.03
CA ILE A 336 14.95 -4.69 -7.80
C ILE A 336 15.14 -3.49 -6.87
N LEU A 337 14.11 -3.15 -6.10
CA LEU A 337 14.21 -2.02 -5.15
C LEU A 337 15.33 -2.23 -4.16
N LYS A 338 15.46 -3.44 -3.62
N LYS A 338 15.46 -3.44 -3.62
N LYS A 338 15.43 -3.44 -3.62
N LYS A 338 15.43 -3.44 -3.62
CA LYS A 338 16.51 -3.73 -2.67
CA LYS A 338 16.51 -3.73 -2.67
CA LYS A 338 16.47 -3.79 -2.70
CA LYS A 338 16.47 -3.79 -2.70
C LYS A 338 17.89 -3.54 -3.28
C LYS A 338 17.89 -3.54 -3.28
C LYS A 338 17.86 -3.55 -3.28
C LYS A 338 17.86 -3.55 -3.28
N GLU A 339 18.10 -4.06 -4.49
CA GLU A 339 19.38 -3.91 -5.12
C GLU A 339 19.70 -2.49 -5.53
N GLU A 340 18.68 -1.79 -6.04
CA GLU A 340 18.93 -0.34 -6.33
C GLU A 340 19.24 0.39 -5.03
N PHE A 341 18.57 0.09 -3.94
CA PHE A 341 18.85 0.77 -2.68
C PHE A 341 20.26 0.44 -2.19
N ARG A 342 20.66 -0.83 -2.25
N ARG A 342 20.66 -0.83 -2.25
N ARG A 342 20.66 -0.83 -2.26
N ARG A 342 20.66 -0.83 -2.26
CA ARG A 342 22.01 -1.25 -1.87
CA ARG A 342 22.01 -1.25 -1.87
CA ARG A 342 22.01 -1.22 -1.84
CA ARG A 342 22.01 -1.22 -1.84
C ARG A 342 23.05 -0.43 -2.65
C ARG A 342 23.05 -0.43 -2.65
C ARG A 342 23.06 -0.45 -2.65
C ARG A 342 23.06 -0.45 -2.65
N LEU A 343 22.89 -0.36 -3.97
CA LEU A 343 23.81 0.36 -4.80
C LEU A 343 23.84 1.83 -4.41
N ALA A 344 22.69 2.42 -4.24
CA ALA A 344 22.62 3.86 -3.86
C ALA A 344 23.28 4.13 -2.55
N MET A 345 23.11 3.24 -1.56
CA MET A 345 23.79 3.37 -0.28
C MET A 345 25.28 3.27 -0.54
N ALA A 346 25.75 2.27 -1.26
CA ALA A 346 27.19 2.09 -1.43
C ALA A 346 27.81 3.27 -2.14
N LEU A 347 27.17 3.75 -3.22
CA LEU A 347 27.75 4.86 -3.98
C LEU A 347 27.74 6.16 -3.20
N SER A 348 26.87 6.26 -2.21
N SER A 348 26.85 6.29 -2.22
N SER A 348 26.87 6.26 -2.21
N SER A 348 26.85 6.29 -2.22
CA SER A 348 26.78 7.42 -1.32
CA SER A 348 26.83 7.48 -1.36
CA SER A 348 26.78 7.42 -1.32
CA SER A 348 26.83 7.48 -1.36
C SER A 348 27.67 7.34 -0.10
C SER A 348 27.63 7.33 -0.06
C SER A 348 27.67 7.34 -0.10
C SER A 348 27.63 7.33 -0.06
N GLY A 349 28.32 6.20 0.11
CA GLY A 349 29.22 6.01 1.24
C GLY A 349 28.57 5.52 2.47
N CYS A 350 27.42 4.90 2.39
CA CYS A 350 26.67 4.48 3.56
C CYS A 350 26.76 2.93 3.73
N GLN A 351 27.37 2.48 4.82
N GLN A 351 27.37 2.48 4.82
N GLN A 351 27.37 2.48 4.82
N GLN A 351 27.37 2.48 4.82
CA GLN A 351 27.52 1.05 5.15
CA GLN A 351 27.52 1.05 5.15
CA GLN A 351 27.51 1.06 5.15
CA GLN A 351 27.51 1.06 5.15
C GLN A 351 26.25 0.44 5.69
C GLN A 351 26.25 0.44 5.69
C GLN A 351 26.24 0.44 5.70
C GLN A 351 26.24 0.44 5.70
N ASN A 352 25.39 1.26 6.29
CA ASN A 352 24.16 0.77 6.96
C ASN A 352 23.15 1.90 7.04
N VAL A 353 21.92 1.71 7.47
CA VAL A 353 20.93 2.77 7.42
C VAL A 353 21.12 3.83 8.49
N LYS A 354 21.88 3.44 9.54
CA LYS A 354 22.06 4.32 10.66
C LYS A 354 22.95 5.51 10.34
N VAL A 355 23.74 5.40 9.28
CA VAL A 355 24.61 6.46 8.82
C VAL A 355 24.08 7.24 7.65
N ILE A 356 22.84 7.05 7.24
CA ILE A 356 22.19 7.83 6.19
C ILE A 356 21.69 9.17 6.76
N ASP A 357 22.46 10.22 6.57
CA ASP A 357 22.23 11.48 7.30
C ASP A 357 21.70 12.57 6.36
N LYS A 358 21.25 13.69 6.94
CA LYS A 358 20.61 14.79 6.27
C LYS A 358 21.55 15.50 5.30
N THR A 359 22.86 15.44 5.51
CA THR A 359 23.79 16.09 4.57
C THR A 359 23.89 15.41 3.23
N LEU A 360 23.34 14.20 3.11
CA LEU A 360 23.28 13.54 1.79
C LEU A 360 22.37 14.20 0.84
N VAL A 361 21.44 15.05 1.25
CA VAL A 361 20.50 15.63 0.35
C VAL A 361 20.36 17.11 0.45
N ARG A 362 20.05 17.75 -0.68
N ARG A 362 20.05 17.75 -0.68
N ARG A 362 20.06 17.76 -0.67
N ARG A 362 20.06 17.76 -0.67
CA ARG A 362 19.73 19.18 -0.71
CA ARG A 362 19.73 19.18 -0.71
CA ARG A 362 19.73 19.18 -0.71
CA ARG A 362 19.73 19.18 -0.71
C ARG A 362 18.73 19.45 -1.81
C ARG A 362 18.73 19.45 -1.81
C ARG A 362 18.74 19.45 -1.82
C ARG A 362 18.74 19.45 -1.82
N LYS A 363 17.74 20.30 -1.52
CA LYS A 363 16.78 20.82 -2.56
C LYS A 363 17.14 22.32 -2.82
N1 FMN B . -4.69 3.12 0.77
C2 FMN B . -5.41 2.59 1.77
O2 FMN B . -5.28 3.09 2.89
N3 FMN B . -6.22 1.55 1.61
C4 FMN B . -6.46 0.99 0.44
O4 FMN B . -7.22 0.04 0.26
C4A FMN B . -5.75 1.49 -0.72
N5 FMN B . -5.93 0.99 -1.97
C5A FMN B . -5.21 1.45 -3.02
C6 FMN B . -5.41 0.89 -4.31
C7 FMN B . -4.60 1.38 -5.28
C7M FMN B . -4.74 0.80 -6.63
C8 FMN B . -3.61 2.43 -5.05
C8M FMN B . -2.76 2.87 -6.26
C9 FMN B . -3.44 2.95 -3.84
C9A FMN B . -4.23 2.52 -2.78
N10 FMN B . -4.09 3.05 -1.51
C10 FMN B . -4.87 2.60 -0.45
C1' FMN B . -3.04 4.05 -1.20
C2' FMN B . -1.71 3.27 -0.96
O2' FMN B . -1.73 2.68 0.38
C3' FMN B . -0.48 4.11 -0.95
O3' FMN B . -0.71 5.29 -0.07
C4' FMN B . -0.10 4.62 -2.30
O4' FMN B . -0.27 3.53 -3.29
C5' FMN B . 1.34 5.02 -2.32
O5' FMN B . 1.86 5.58 -3.56
P FMN B . 2.54 4.72 -4.79
O1P FMN B . 3.58 3.82 -4.27
O2P FMN B . 3.05 5.84 -5.60
O3P FMN B . 1.41 3.92 -5.49
N1 GWG C . -10.54 1.87 -0.12
N1 GWG C . -10.54 1.87 -0.12
C4 GWG C . -10.37 0.46 -3.53
C4 GWG C . -10.37 0.46 -3.53
C5 GWG C . -11.24 -0.52 -4.04
C5 GWG C . -11.24 -0.52 -4.04
C6 GWG C . -12.33 -1.00 -3.27
C6 GWG C . -12.33 -1.00 -3.27
C7 GWG C . -12.59 -0.53 -1.98
C7 GWG C . -12.59 -0.53 -1.98
C8 GWG C . -11.71 0.43 -1.45
C8 GWG C . -11.71 0.43 -1.45
O GWG C . -8.26 3.41 -0.76
O GWG C . -8.26 3.41 -0.76
C2 GWG C . -8.80 2.77 -1.66
C2 GWG C . -8.80 2.77 -1.66
N2 GWG C . -8.36 2.92 -2.94
N2 GWG C . -8.36 2.92 -2.94
C1 GWG C . -9.90 1.84 -1.35
C1 GWG C . -9.90 1.84 -1.35
C3 GWG C . -10.59 0.94 -2.22
C3 GWG C . -10.59 0.94 -2.22
N GWG C . -11.62 1.03 -0.20
N GWG C . -11.62 1.03 -0.20
C GWG C . -12.54 0.84 0.92
C GWG C . -12.54 0.84 0.92
#